data_7G6H
#
_entry.id   7G6H
#
_cell.length_a   83.855
_cell.length_b   91.412
_cell.length_c   119.157
_cell.angle_alpha   90.000
_cell.angle_beta   90.000
_cell.angle_gamma   90.000
#
_symmetry.space_group_name_H-M   'P 21 21 21'
#
loop_
_entity.id
_entity.type
_entity.pdbx_description
1 polymer 'Isoform 2 of Ectonucleotide pyrophosphatase/phosphodiesterase family member 2'
2 branched alpha-D-mannopyranose-(1-2)-alpha-D-mannopyranose-(1-3)-alpha-D-mannopyranose-(1-6)-[alpha-D-mannopyranose-(1-2)-alpha-D-mannopyranose-(1-3)]beta-D-mannopyranose-(1-4)-2-acetamido-2-deoxy-beta-D-glucopyranose-(1-4)-2-acetamido-2-deoxy-beta-D-glucopyranose
3 non-polymer 'CALCIUM ION'
4 non-polymer 3-[(2-tert-butyl-4-chloro-5-methylphenoxy)methyl]-1H-pyrazole
5 non-polymer 'ACETATE ION'
6 non-polymer 'CHLORIDE ION'
7 non-polymer 'ZINC ION'
8 non-polymer 'SODIUM ION'
9 water water
#
_entity_poly.entity_id   1
_entity_poly.type   'polypeptide(L)'
_entity_poly.pdbx_seq_one_letter_code
;FTASRIKRAEWDEGPPTVLSDSPWTATSGSCKGRCFELQEVGPPDCRCDNLCKSYSSCCHDFDELCLKTARGWECTKDRC
GEVRNEENACHCSEDCLSRGDCCTNYQVVCKGESHWVDDDCEEIKVPECPAGFVRPPLIIFSVDGFRASYMKKGSKVMPN
IEKLRSCGTHAPYMRPVYPTKTFPNLYTLATGLYPESHGIVGNSMYDPVFDASFHLRGREKFNHRWWGGQPLWITATKQG
VRAGTFFWSVSIPHERRILTILQWLSLPDNERPSVYAFYSEQPDFSGHKYGPFGPEMTNPLREIDKTVGQLMDGLKQLRL
HRCVNVIFVGDHGMEDVTCDRTEFLSNYLTNVDDITLVPGTLGRIRAKSINNSKYDPKTIIAALTCKKPDQHFKPYMKQH
LPKRLHYANNRRIEDIHLLVDRRWHVARKPLDVYKKPSGKCFFQGDHGFDNKVNSMQTVFVGYGPTFKYRTKVPPFENIE
LYNVMCDLLGLKPAPNNGTHGSLNHLLRTNTFRPTMPDEVSRPNYPGIMYLQSEFDLGCTCDDKVEPKNKLEELNKRLHT
KGSTKERHLLYGRPAVLYRTSYDILYHTDFESGYSEIFLMPLWTSYTISKQAEVSSIPEHLTNCVRPDVRVSPGFSQNCL
AYKNDKQMSYGFLFPPYLSSSPEAKYDAFLVTNMVPMYPAFKRVWAYFQRVLVKKYASERNGVNVISGPIFDYNYDGLRD
TEDEIKQYVEGSSIPVPTHYYSIITSCLDFTQPADKCDGPLSVSSFILPHRPDNDESCNSSEDESKWVEELMKMHTARVR
DIEHLTGLDFYRKTSRSYSEILTLKTYLHTYESEIGGRHHHHHHHH
;
_entity_poly.pdbx_strand_id   A
#
loop_
_chem_comp.id
_chem_comp.type
_chem_comp.name
_chem_comp.formula
ACT non-polymer 'ACETATE ION' 'C2 H3 O2 -1'
BMA D-saccharide, beta linking beta-D-mannopyranose 'C6 H12 O6'
CA non-polymer 'CALCIUM ION' 'Ca 2'
CL non-polymer 'CHLORIDE ION' 'Cl -1'
MAN D-saccharide, alpha linking alpha-D-mannopyranose 'C6 H12 O6'
NA non-polymer 'SODIUM ION' 'Na 1'
NAG D-saccharide, beta linking 2-acetamido-2-deoxy-beta-D-glucopyranose 'C8 H15 N O6'
XG2 non-polymer 3-[(2-tert-butyl-4-chloro-5-methylphenoxy)methyl]-1H-pyrazole 'C15 H19 Cl N2 O'
ZN non-polymer 'ZINC ION' 'Zn 2'
#
# COMPACT_ATOMS: atom_id res chain seq x y z
N TRP A 24 -6.25 36.42 -18.33
CA TRP A 24 -7.48 37.02 -18.94
C TRP A 24 -8.40 36.00 -19.61
N THR A 25 -9.67 36.00 -19.19
CA THR A 25 -10.75 35.31 -19.91
C THR A 25 -11.61 36.33 -20.66
N ALA A 26 -11.81 36.09 -21.96
CA ALA A 26 -12.80 36.82 -22.75
C ALA A 26 -14.17 36.12 -22.61
N THR A 27 -14.75 36.23 -21.40
CA THR A 27 -15.99 35.49 -20.99
C THR A 27 -17.27 35.81 -21.81
N SER A 28 -17.10 36.59 -22.88
CA SER A 28 -18.18 37.00 -23.79
C SER A 28 -18.43 36.07 -25.00
N GLY A 29 -17.70 34.95 -25.09
CA GLY A 29 -18.07 33.82 -25.96
C GLY A 29 -19.23 33.05 -25.34
N SER A 30 -19.63 31.93 -25.95
CA SER A 30 -20.85 31.22 -25.51
C SER A 30 -20.70 29.71 -25.22
N CYS A 31 -21.52 29.22 -24.29
CA CYS A 31 -21.60 27.79 -23.97
C CYS A 31 -22.70 27.05 -24.74
N LYS A 32 -23.45 27.77 -25.58
CA LYS A 32 -24.56 27.21 -26.36
C LYS A 32 -24.13 25.89 -27.01
N GLY A 33 -24.81 24.80 -26.62
CA GLY A 33 -24.48 23.45 -27.09
C GLY A 33 -23.14 22.85 -26.67
N ARG A 34 -22.32 23.58 -25.90
CA ARG A 34 -20.98 23.13 -25.51
C ARG A 34 -20.88 22.72 -24.04
N CYS A 35 -22.01 22.44 -23.40
CA CYS A 35 -22.01 22.24 -21.93
C CYS A 35 -21.19 21.03 -21.50
N PHE A 36 -20.23 21.26 -20.61
CA PHE A 36 -19.34 20.20 -20.15
C PHE A 36 -18.63 19.55 -21.35
N GLU A 37 -18.04 20.40 -22.17
CA GLU A 37 -17.22 19.95 -23.27
C GLU A 37 -16.08 19.08 -22.71
N LEU A 38 -15.86 17.95 -23.38
CA LEU A 38 -14.85 16.99 -22.97
C LEU A 38 -13.43 17.49 -23.20
N GLN A 39 -13.22 18.18 -24.32
CA GLN A 39 -11.94 18.81 -24.66
C GLN A 39 -11.94 20.26 -24.18
N GLU A 40 -10.74 20.78 -24.01
CA GLU A 40 -10.53 22.06 -23.37
C GLU A 40 -10.01 23.11 -24.37
N VAL A 41 -10.59 24.31 -24.32
CA VAL A 41 -10.18 25.40 -25.25
C VAL A 41 -9.17 26.38 -24.62
N GLY A 42 -8.19 26.76 -25.43
CA GLY A 42 -7.09 27.63 -25.01
C GLY A 42 -7.55 29.05 -24.77
N PRO A 43 -7.31 29.58 -23.53
CA PRO A 43 -7.51 31.00 -23.20
C PRO A 43 -6.98 31.99 -24.26
N PRO A 44 -7.58 33.20 -24.36
CA PRO A 44 -8.81 33.65 -23.69
C PRO A 44 -10.17 33.36 -24.41
N ASP A 45 -10.30 32.20 -25.08
CA ASP A 45 -11.65 31.68 -25.42
C ASP A 45 -12.23 31.15 -24.12
N CYS A 46 -13.45 31.54 -23.78
CA CYS A 46 -14.01 31.11 -22.51
C CYS A 46 -14.33 29.61 -22.54
N ARG A 47 -14.44 29.05 -21.35
CA ARG A 47 -14.56 27.60 -21.16
C ARG A 47 -15.95 27.21 -20.67
N CYS A 48 -16.44 26.06 -21.15
CA CYS A 48 -17.69 25.49 -20.67
C CYS A 48 -17.46 24.12 -20.03
N ASP A 49 -16.19 23.74 -19.97
CA ASP A 49 -15.78 22.49 -19.35
C ASP A 49 -15.97 22.62 -17.85
N ASN A 50 -16.24 21.49 -17.20
CA ASN A 50 -16.10 21.42 -15.78
C ASN A 50 -14.65 21.75 -15.48
N LEU A 51 -14.40 22.54 -14.44
CA LEU A 51 -13.07 23.11 -14.21
C LEU A 51 -13.02 24.59 -14.57
N CYS A 52 -13.90 25.04 -15.47
CA CYS A 52 -14.00 26.49 -15.74
C CYS A 52 -14.29 27.29 -14.46
N LYS A 53 -15.20 26.77 -13.62
CA LYS A 53 -15.58 27.42 -12.36
C LYS A 53 -14.35 27.72 -11.51
N SER A 54 -13.50 26.71 -11.36
CA SER A 54 -12.26 26.84 -10.55
C SER A 54 -11.27 27.92 -11.03
N TYR A 55 -11.23 28.18 -12.35
CA TYR A 55 -10.32 29.17 -12.94
C TYR A 55 -10.93 30.56 -13.20
N SER A 56 -12.21 30.76 -12.87
CA SER A 56 -12.92 32.02 -13.20
C SER A 56 -13.01 32.26 -14.71
N SER A 57 -13.15 31.19 -15.48
CA SER A 57 -13.03 31.27 -16.93
C SER A 57 -14.29 30.86 -17.71
N CYS A 58 -15.39 30.59 -17.00
CA CYS A 58 -16.62 30.13 -17.67
C CYS A 58 -17.14 31.23 -18.60
N CYS A 59 -17.82 30.84 -19.67
CA CYS A 59 -18.51 31.83 -20.51
C CYS A 59 -19.64 32.44 -19.68
N HIS A 60 -20.07 33.63 -20.10
CA HIS A 60 -21.15 34.37 -19.46
C HIS A 60 -22.41 33.53 -19.17
N ASP A 61 -22.76 32.65 -20.11
CA ASP A 61 -24.03 31.88 -20.06
C ASP A 61 -23.92 30.45 -19.50
N PHE A 62 -22.77 30.15 -18.92
CA PHE A 62 -22.52 28.83 -18.31
C PHE A 62 -23.61 28.42 -17.34
N ASP A 63 -23.91 29.27 -16.35
CA ASP A 63 -24.86 28.87 -15.31
C ASP A 63 -26.19 28.62 -15.96
N GLU A 64 -26.57 29.52 -16.87
CA GLU A 64 -27.90 29.47 -17.50
C GLU A 64 -28.11 28.20 -18.35
N LEU A 65 -27.13 27.90 -19.21
CA LEU A 65 -27.24 26.79 -20.14
C LEU A 65 -26.83 25.44 -19.54
N CYS A 66 -25.77 25.42 -18.72
CA CYS A 66 -25.18 24.20 -18.19
C CYS A 66 -25.60 23.81 -16.79
N LEU A 67 -26.10 24.77 -16.02
CA LEU A 67 -26.51 24.47 -14.64
C LEU A 67 -28.01 24.71 -14.40
N LYS A 68 -28.83 24.41 -15.41
CA LYS A 68 -30.28 24.50 -15.27
C LYS A 68 -30.73 23.76 -14.04
N THR A 69 -31.81 24.24 -13.41
CA THR A 69 -32.30 23.66 -12.17
C THR A 69 -33.82 23.71 -12.14
N ALA A 70 -34.41 24.45 -13.09
CA ALA A 70 -35.86 24.61 -13.16
C ALA A 70 -36.62 23.30 -13.04
N ARG A 71 -37.50 23.28 -12.05
CA ARG A 71 -38.42 22.18 -11.77
C ARG A 71 -37.76 21.00 -11.02
N GLY A 72 -36.49 21.13 -10.66
CA GLY A 72 -35.81 20.09 -9.89
C GLY A 72 -35.40 18.85 -10.70
N TRP A 73 -35.28 17.71 -10.01
CA TRP A 73 -34.54 16.56 -10.52
C TRP A 73 -35.37 15.32 -10.79
N GLU A 74 -36.68 15.42 -10.62
CA GLU A 74 -37.53 14.25 -10.71
C GLU A 74 -38.77 14.50 -11.58
N CYS A 75 -39.22 13.50 -12.33
CA CYS A 75 -40.52 13.56 -12.99
C CYS A 75 -41.63 13.36 -11.97
N THR A 76 -42.79 13.93 -12.24
CA THR A 76 -44.00 13.75 -11.44
C THR A 76 -45.10 13.37 -12.41
N LYS A 77 -46.21 12.83 -11.90
CA LYS A 77 -47.30 12.32 -12.75
C LYS A 77 -47.76 13.31 -13.81
N ASP A 78 -47.95 14.56 -13.39
CA ASP A 78 -48.37 15.65 -14.28
C ASP A 78 -47.38 15.99 -15.41
N ARG A 79 -46.09 15.76 -15.19
CA ARG A 79 -45.08 16.08 -16.21
C ARG A 79 -44.95 15.04 -17.33
N CYS A 80 -45.56 13.87 -17.16
CA CYS A 80 -45.43 12.80 -18.17
C CYS A 80 -45.91 13.23 -19.54
N GLY A 81 -45.08 12.97 -20.55
CA GLY A 81 -45.37 13.29 -21.94
C GLY A 81 -45.43 14.77 -22.25
N GLU A 82 -45.12 15.62 -21.26
CA GLU A 82 -45.09 17.07 -21.44
C GLU A 82 -44.47 17.53 -22.75
N VAL A 83 -44.74 18.80 -23.08
CA VAL A 83 -44.07 19.53 -24.17
C VAL A 83 -42.70 19.95 -23.66
N ARG A 84 -41.66 19.61 -24.43
CA ARG A 84 -40.29 19.97 -24.09
C ARG A 84 -40.17 21.45 -23.75
N ASN A 85 -39.46 21.72 -22.66
CA ASN A 85 -39.15 23.06 -22.24
C ASN A 85 -37.65 23.05 -21.95
N GLU A 86 -36.86 23.72 -22.77
CA GLU A 86 -35.40 23.69 -22.63
C GLU A 86 -34.85 24.36 -21.38
N GLU A 87 -35.72 24.95 -20.55
CA GLU A 87 -35.28 25.56 -19.30
C GLU A 87 -35.11 24.54 -18.17
N ASN A 88 -35.77 23.38 -18.31
CA ASN A 88 -35.91 22.44 -17.20
C ASN A 88 -34.59 21.70 -16.91
N ALA A 89 -34.40 21.31 -15.65
CA ALA A 89 -33.15 20.67 -15.23
C ALA A 89 -32.97 19.34 -15.97
N CYS A 90 -34.06 18.60 -16.05
CA CYS A 90 -34.13 17.32 -16.78
C CYS A 90 -35.55 17.21 -17.38
N HIS A 91 -35.82 16.17 -18.18
CA HIS A 91 -37.05 16.19 -19.00
C HIS A 91 -37.95 14.97 -18.82
N CYS A 92 -39.24 15.14 -19.08
CA CYS A 92 -40.25 14.07 -18.96
C CYS A 92 -41.09 13.92 -20.21
N SER A 93 -40.74 14.71 -21.23
CA SER A 93 -41.33 14.64 -22.56
C SER A 93 -41.03 13.31 -23.26
N GLU A 94 -41.85 12.96 -24.24
CA GLU A 94 -41.74 11.68 -24.93
C GLU A 94 -40.40 11.51 -25.64
N ASP A 95 -39.80 12.61 -26.06
CA ASP A 95 -38.58 12.53 -26.84
C ASP A 95 -37.31 12.44 -25.97
N CYS A 96 -37.47 12.39 -24.65
CA CYS A 96 -36.29 12.54 -23.78
C CYS A 96 -35.27 11.39 -23.85
N LEU A 97 -35.72 10.16 -24.06
CA LEU A 97 -34.77 9.01 -24.10
C LEU A 97 -33.75 9.12 -25.24
N SER A 98 -34.22 9.46 -26.43
CA SER A 98 -33.35 9.63 -27.61
C SER A 98 -32.57 10.94 -27.57
N ARG A 99 -33.05 11.89 -26.78
CA ARG A 99 -32.26 13.07 -26.46
C ARG A 99 -31.28 12.78 -25.32
N GLY A 100 -31.55 11.73 -24.53
CA GLY A 100 -30.69 11.27 -23.41
C GLY A 100 -30.68 12.19 -22.20
N ASP A 101 -31.78 12.93 -21.98
CA ASP A 101 -31.82 13.94 -20.94
C ASP A 101 -33.09 13.89 -20.07
N CYS A 102 -33.73 12.72 -20.00
CA CYS A 102 -34.78 12.45 -19.03
C CYS A 102 -34.28 12.55 -17.59
N CYS A 103 -35.15 12.95 -16.68
CA CYS A 103 -34.91 12.73 -15.26
C CYS A 103 -34.72 11.24 -15.04
N THR A 104 -33.90 10.87 -14.07
CA THR A 104 -33.55 9.46 -13.91
C THR A 104 -34.77 8.63 -13.53
N ASN A 105 -35.80 9.27 -12.97
CA ASN A 105 -37.01 8.50 -12.54
C ASN A 105 -38.17 8.50 -13.57
N TYR A 106 -37.85 8.98 -14.77
CA TYR A 106 -38.79 9.06 -15.91
C TYR A 106 -39.59 7.81 -16.22
N GLN A 107 -38.92 6.69 -16.48
CA GLN A 107 -39.64 5.45 -16.78
C GLN A 107 -40.48 4.96 -15.62
N VAL A 108 -39.93 5.12 -14.42
CA VAL A 108 -40.63 4.69 -13.23
C VAL A 108 -41.96 5.45 -13.09
N VAL A 109 -41.91 6.78 -13.16
CA VAL A 109 -43.09 7.64 -13.01
C VAL A 109 -44.05 7.59 -14.21
N CYS A 110 -43.50 7.55 -15.42
CA CYS A 110 -44.28 7.71 -16.64
C CYS A 110 -44.50 6.45 -17.47
N LYS A 111 -43.73 5.40 -17.24
CA LYS A 111 -43.89 4.18 -18.04
C LYS A 111 -44.09 2.91 -17.17
N GLY A 112 -44.45 3.10 -15.90
CA GLY A 112 -44.67 1.98 -14.99
C GLY A 112 -43.47 1.04 -14.78
N GLU A 113 -42.25 1.54 -15.00
CA GLU A 113 -41.07 0.72 -14.72
C GLU A 113 -40.84 0.60 -13.20
N SER A 114 -40.09 -0.41 -12.78
CA SER A 114 -39.59 -0.45 -11.40
C SER A 114 -38.20 0.26 -11.26
N HIS A 115 -37.92 0.81 -10.07
CA HIS A 115 -36.56 1.24 -9.70
C HIS A 115 -35.63 0.05 -9.81
N TRP A 116 -34.39 0.28 -10.28
CA TRP A 116 -33.34 -0.75 -10.25
C TRP A 116 -33.23 -1.48 -8.90
N VAL A 117 -33.22 -0.73 -7.80
CA VAL A 117 -33.07 -1.34 -6.46
C VAL A 117 -34.18 -2.35 -6.10
N ASP A 118 -35.36 -2.19 -6.68
CA ASP A 118 -36.50 -3.12 -6.47
C ASP A 118 -36.47 -4.37 -7.32
N ASP A 119 -35.56 -4.45 -8.29
CA ASP A 119 -35.45 -5.61 -9.16
C ASP A 119 -34.55 -6.62 -8.50
N ASP A 120 -34.90 -7.89 -8.61
CA ASP A 120 -34.06 -9.01 -8.17
C ASP A 120 -32.75 -8.95 -8.89
N CYS A 121 -31.64 -9.28 -8.25
CA CYS A 121 -30.48 -9.29 -9.10
C CYS A 121 -30.33 -10.61 -9.82
N GLU A 122 -29.70 -10.52 -10.98
CA GLU A 122 -29.55 -11.63 -11.87
C GLU A 122 -28.12 -11.53 -12.33
N GLU A 123 -27.42 -12.65 -12.35
CA GLU A 123 -26.07 -12.73 -12.86
C GLU A 123 -25.91 -12.03 -14.23
N ILE A 124 -24.84 -11.27 -14.39
CA ILE A 124 -24.55 -10.65 -15.68
C ILE A 124 -23.43 -11.50 -16.25
N LYS A 125 -23.80 -12.52 -17.01
CA LYS A 125 -22.82 -13.46 -17.57
C LYS A 125 -22.02 -12.85 -18.71
N VAL A 126 -22.64 -11.96 -19.47
CA VAL A 126 -21.97 -11.31 -20.59
C VAL A 126 -22.43 -9.87 -20.63
N PRO A 127 -21.64 -8.98 -21.26
CA PRO A 127 -22.14 -7.61 -21.38
C PRO A 127 -23.37 -7.59 -22.29
N GLU A 128 -24.40 -6.83 -21.88
CA GLU A 128 -25.62 -6.69 -22.68
C GLU A 128 -25.72 -5.21 -23.03
N CYS A 129 -25.07 -4.85 -24.13
CA CYS A 129 -24.83 -3.48 -24.49
C CYS A 129 -25.56 -3.20 -25.81
N PRO A 130 -26.01 -1.94 -26.02
CA PRO A 130 -26.57 -1.45 -27.29
C PRO A 130 -25.58 -1.53 -28.43
N ALA A 131 -26.11 -1.64 -29.65
CA ALA A 131 -25.24 -1.83 -30.81
C ALA A 131 -24.36 -0.61 -30.88
N GLY A 132 -23.10 -0.83 -31.24
CA GLY A 132 -22.15 0.25 -31.35
C GLY A 132 -21.25 0.44 -30.15
N PHE A 133 -21.52 -0.20 -29.02
CA PHE A 133 -20.54 -0.15 -27.93
C PHE A 133 -19.45 -1.15 -28.26
N VAL A 134 -18.19 -0.71 -28.28
CA VAL A 134 -17.05 -1.63 -28.56
C VAL A 134 -16.60 -2.39 -27.31
N ARG A 135 -17.02 -1.91 -26.14
CA ARG A 135 -16.54 -2.43 -24.85
C ARG A 135 -17.46 -1.92 -23.72
N PRO A 136 -17.56 -2.68 -22.63
CA PRO A 136 -18.39 -2.15 -21.54
C PRO A 136 -17.79 -0.83 -20.98
N PRO A 137 -18.60 0.23 -20.81
CA PRO A 137 -18.00 1.43 -20.19
C PRO A 137 -17.67 1.17 -18.70
N LEU A 138 -16.74 1.95 -18.13
CA LEU A 138 -16.44 1.88 -16.70
C LEU A 138 -16.85 3.21 -16.06
N ILE A 139 -17.56 3.14 -14.93
CA ILE A 139 -17.89 4.34 -14.14
C ILE A 139 -17.31 4.15 -12.74
N ILE A 140 -16.38 5.03 -12.36
CA ILE A 140 -15.81 4.99 -11.03
C ILE A 140 -16.66 5.91 -10.13
N PHE A 141 -17.31 5.34 -9.12
CA PHE A 141 -18.19 6.17 -8.29
C PHE A 141 -17.48 6.37 -6.98
N SER A 142 -16.85 7.54 -6.79
CA SER A 142 -15.96 7.72 -5.65
C SER A 142 -16.60 8.61 -4.59
N VAL A 143 -16.45 8.17 -3.35
CA VAL A 143 -17.16 8.83 -2.24
C VAL A 143 -16.12 9.14 -1.16
N ASP A 144 -16.08 10.40 -0.78
CA ASP A 144 -15.03 10.90 0.08
C ASP A 144 -15.34 10.52 1.54
N GLY A 145 -14.32 10.01 2.22
CA GLY A 145 -14.43 9.68 3.64
C GLY A 145 -15.36 8.53 3.97
N PHE A 146 -15.62 7.65 3.00
CA PHE A 146 -16.56 6.54 3.20
C PHE A 146 -15.83 5.37 3.89
N ARG A 147 -15.86 5.39 5.21
CA ARG A 147 -15.20 4.39 6.05
C ARG A 147 -15.75 2.99 5.80
N ALA A 148 -14.88 1.98 5.88
CA ALA A 148 -15.26 0.62 5.53
C ALA A 148 -16.47 0.09 6.35
N SER A 149 -16.53 0.41 7.65
CA SER A 149 -17.61 -0.16 8.45
C SER A 149 -18.99 0.47 8.17
N TYR A 150 -19.05 1.58 7.44
CA TYR A 150 -20.38 2.08 6.99
C TYR A 150 -21.16 1.04 6.19
N MET A 151 -20.47 0.15 5.49
CA MET A 151 -21.20 -0.86 4.67
C MET A 151 -22.14 -1.73 5.53
N LYS A 152 -21.66 -2.11 6.72
CA LYS A 152 -22.48 -2.89 7.66
C LYS A 152 -23.32 -1.95 8.54
N LYS A 153 -22.68 -0.94 9.14
CA LYS A 153 -23.37 -0.06 10.07
C LYS A 153 -24.46 0.82 9.46
N GLY A 154 -24.34 1.17 8.18
CA GLY A 154 -25.34 2.00 7.53
C GLY A 154 -26.22 1.22 6.58
N SER A 155 -26.14 -0.10 6.62
CA SER A 155 -26.80 -0.93 5.61
C SER A 155 -28.29 -0.70 5.46
N LYS A 156 -28.99 -0.36 6.56
CA LYS A 156 -30.46 -0.15 6.56
C LYS A 156 -30.87 1.11 5.83
N VAL A 157 -29.94 2.03 5.64
CA VAL A 157 -30.32 3.24 4.98
C VAL A 157 -29.69 3.39 3.60
N MET A 158 -28.99 2.35 3.14
CA MET A 158 -28.36 2.41 1.82
C MET A 158 -28.72 1.21 0.94
N PRO A 159 -29.99 1.07 0.55
CA PRO A 159 -30.39 -0.13 -0.16
C PRO A 159 -29.77 -0.27 -1.56
N ASN A 160 -29.52 0.83 -2.28
CA ASN A 160 -28.88 0.72 -3.61
C ASN A 160 -27.44 0.22 -3.51
N ILE A 161 -26.67 0.80 -2.60
CA ILE A 161 -25.28 0.41 -2.35
C ILE A 161 -25.21 -1.03 -1.86
N GLU A 162 -26.16 -1.41 -0.99
CA GLU A 162 -26.23 -2.78 -0.48
C GLU A 162 -26.53 -3.81 -1.57
N LYS A 163 -27.34 -3.42 -2.55
CA LYS A 163 -27.58 -4.28 -3.71
C LYS A 163 -26.32 -4.40 -4.59
N LEU A 164 -25.67 -3.29 -4.84
CA LEU A 164 -24.38 -3.34 -5.55
C LEU A 164 -23.43 -4.30 -4.85
N ARG A 165 -23.31 -4.11 -3.55
CA ARG A 165 -22.37 -4.88 -2.74
C ARG A 165 -22.70 -6.37 -2.71
N SER A 166 -23.96 -6.73 -2.50
CA SER A 166 -24.30 -8.14 -2.32
C SER A 166 -24.37 -8.87 -3.65
N CYS A 167 -24.71 -8.15 -4.71
CA CYS A 167 -24.85 -8.77 -6.01
CA CYS A 167 -24.86 -8.72 -6.05
C CYS A 167 -23.54 -8.76 -6.81
N GLY A 168 -22.63 -7.83 -6.50
CA GLY A 168 -21.38 -7.71 -7.27
C GLY A 168 -20.26 -8.43 -6.54
N THR A 169 -19.05 -7.88 -6.66
CA THR A 169 -17.85 -8.39 -6.01
C THR A 169 -17.48 -7.35 -4.92
N HIS A 170 -17.22 -7.75 -3.69
CA HIS A 170 -16.88 -6.71 -2.71
C HIS A 170 -15.75 -7.19 -1.81
N ALA A 171 -15.00 -6.27 -1.21
CA ALA A 171 -14.02 -6.68 -0.22
C ALA A 171 -14.60 -6.15 1.10
N PRO A 172 -14.21 -6.77 2.23
CA PRO A 172 -14.62 -6.20 3.54
C PRO A 172 -14.08 -4.77 3.76
N TYR A 173 -12.90 -4.47 3.22
CA TYR A 173 -12.41 -3.09 3.14
C TYR A 173 -11.30 -2.99 2.12
N MET A 174 -10.97 -1.74 1.77
CA MET A 174 -9.84 -1.45 0.91
C MET A 174 -8.81 -0.55 1.66
N ARG A 175 -7.54 -0.91 1.60
CA ARG A 175 -6.47 -0.16 2.29
C ARG A 175 -6.07 1.06 1.47
N PRO A 176 -6.21 2.26 2.07
CA PRO A 176 -5.72 3.46 1.40
C PRO A 176 -4.20 3.55 1.45
N VAL A 177 -3.63 4.53 0.75
CA VAL A 177 -2.21 4.80 0.93
C VAL A 177 -2.01 5.86 2.04
N TYR A 178 -0.79 5.93 2.57
CA TYR A 178 -0.39 6.97 3.52
C TYR A 178 0.17 8.18 2.76
N PRO A 179 -0.20 9.42 3.19
CA PRO A 179 -1.15 9.76 4.25
C PRO A 179 -2.58 9.58 3.75
N THR A 180 -3.50 9.21 4.65
CA THR A 180 -4.87 8.86 4.29
C THR A 180 -5.69 10.15 4.15
N LYS A 181 -5.26 10.96 3.20
CA LYS A 181 -5.93 12.19 2.79
C LYS A 181 -6.48 12.06 1.36
N THR A 182 -7.24 13.07 0.94
CA THR A 182 -8.02 13.01 -0.28
C THR A 182 -7.20 12.95 -1.60
N PHE A 183 -6.40 13.97 -1.88
CA PHE A 183 -5.70 13.99 -3.16
C PHE A 183 -4.62 12.91 -3.29
N PRO A 184 -3.89 12.62 -2.18
CA PRO A 184 -2.96 11.48 -2.33
C PRO A 184 -3.67 10.19 -2.72
N ASN A 185 -4.82 9.94 -2.10
CA ASN A 185 -5.52 8.70 -2.42
C ASN A 185 -6.20 8.69 -3.78
N LEU A 186 -6.85 9.80 -4.15
CA LEU A 186 -7.57 9.82 -5.43
C LEU A 186 -6.54 9.71 -6.51
N TYR A 187 -5.40 10.37 -6.36
CA TYR A 187 -4.39 10.31 -7.39
C TYR A 187 -3.66 8.94 -7.46
N THR A 188 -3.55 8.26 -6.32
CA THR A 188 -3.08 6.86 -6.33
C THR A 188 -4.09 5.94 -7.06
N LEU A 189 -5.39 6.22 -6.93
CA LEU A 189 -6.39 5.40 -7.61
C LEU A 189 -6.23 5.59 -9.11
N ALA A 190 -5.90 6.82 -9.50
CA ALA A 190 -5.80 7.20 -10.90
C ALA A 190 -4.52 6.69 -11.57
N THR A 191 -3.48 6.40 -10.78
CA THR A 191 -2.16 6.15 -11.36
C THR A 191 -1.55 4.79 -11.01
N GLY A 192 -2.01 4.19 -9.91
CA GLY A 192 -1.40 2.95 -9.38
C GLY A 192 -0.10 3.19 -8.65
N LEU A 193 0.20 4.45 -8.32
CA LEU A 193 1.51 4.82 -7.71
C LEU A 193 1.40 5.22 -6.26
N TYR A 194 2.40 4.87 -5.46
CA TYR A 194 2.57 5.47 -4.13
C TYR A 194 2.66 7.02 -4.24
N PRO A 195 2.09 7.76 -3.26
CA PRO A 195 2.32 9.22 -3.24
C PRO A 195 3.79 9.67 -3.48
N GLU A 196 4.78 8.95 -2.92
CA GLU A 196 6.18 9.35 -3.15
C GLU A 196 6.53 9.34 -4.63
N SER A 197 5.86 8.52 -5.43
CA SER A 197 6.17 8.47 -6.85
C SER A 197 5.26 9.35 -7.67
N HIS A 198 3.98 9.46 -7.34
CA HIS A 198 3.14 10.40 -8.12
C HIS A 198 3.29 11.89 -7.72
N GLY A 199 3.80 12.14 -6.52
CA GLY A 199 4.15 13.49 -6.13
C GLY A 199 3.17 14.24 -5.26
N ILE A 200 1.93 13.75 -5.14
CA ILE A 200 0.97 14.37 -4.29
C ILE A 200 1.06 13.68 -2.94
N VAL A 201 1.95 14.21 -2.10
CA VAL A 201 2.38 13.52 -0.90
C VAL A 201 1.64 14.03 0.32
N GLY A 202 0.80 15.02 0.12
CA GLY A 202 -0.02 15.49 1.21
C GLY A 202 -1.05 16.49 0.72
N ASN A 203 -1.93 16.93 1.63
CA ASN A 203 -2.93 17.95 1.28
C ASN A 203 -2.32 19.36 1.22
N SER A 204 -1.14 19.52 1.82
CA SER A 204 -0.33 20.73 1.71
C SER A 204 1.15 20.36 1.46
N MET A 205 1.86 21.08 0.55
CA MET A 205 3.23 20.72 0.11
C MET A 205 4.13 21.88 -0.32
N TYR A 206 5.43 21.76 -0.05
CA TYR A 206 6.43 22.71 -0.55
C TYR A 206 7.42 21.95 -1.43
N ASP A 207 7.62 22.39 -2.66
CA ASP A 207 8.63 21.78 -3.49
C ASP A 207 9.86 22.71 -3.64
N PRO A 208 10.97 22.31 -3.04
CA PRO A 208 12.16 23.17 -3.00
C PRO A 208 12.84 23.40 -4.35
N VAL A 209 12.64 22.51 -5.32
CA VAL A 209 13.22 22.71 -6.65
C VAL A 209 12.45 23.77 -7.43
N PHE A 210 11.12 23.71 -7.33
CA PHE A 210 10.26 24.74 -7.94
C PHE A 210 10.29 25.98 -7.06
N ASP A 211 10.58 25.81 -5.76
CA ASP A 211 10.29 26.84 -4.76
C ASP A 211 8.84 27.32 -4.91
N ALA A 212 7.90 26.39 -4.90
CA ALA A 212 6.47 26.73 -4.92
C ALA A 212 5.72 25.86 -3.90
N SER A 213 4.54 26.31 -3.47
CA SER A 213 3.71 25.56 -2.52
C SER A 213 2.40 25.08 -3.16
N PHE A 214 1.83 24.02 -2.59
CA PHE A 214 0.58 23.39 -3.05
C PHE A 214 -0.38 23.38 -1.86
N HIS A 215 -1.56 23.98 -2.05
CA HIS A 215 -2.61 24.00 -1.00
C HIS A 215 -3.97 23.55 -1.58
N LEU A 216 -4.85 23.06 -0.70
CA LEU A 216 -6.24 22.73 -1.09
C LEU A 216 -6.98 23.93 -1.68
N ARG A 217 -7.13 24.98 -0.88
CA ARG A 217 -7.62 26.26 -1.37
C ARG A 217 -6.74 26.70 -2.55
N GLY A 218 -7.35 27.38 -3.51
CA GLY A 218 -6.57 28.13 -4.47
C GLY A 218 -6.09 27.38 -5.68
N ARG A 219 -5.27 28.09 -6.45
CA ARG A 219 -5.03 27.77 -7.84
C ARG A 219 -3.77 26.96 -8.15
N GLU A 220 -2.70 27.08 -7.33
CA GLU A 220 -1.40 26.42 -7.66
C GLU A 220 -1.51 24.89 -7.82
N LYS A 221 -2.42 24.27 -7.07
CA LYS A 221 -2.73 22.84 -7.16
C LYS A 221 -3.20 22.38 -8.54
N PHE A 222 -3.65 23.32 -9.37
CA PHE A 222 -4.08 23.01 -10.74
C PHE A 222 -2.93 23.07 -11.73
N ASN A 223 -1.80 23.64 -11.31
CA ASN A 223 -0.57 23.53 -12.10
C ASN A 223 -0.21 22.04 -12.31
N HIS A 224 0.19 21.68 -13.53
CA HIS A 224 0.46 20.29 -13.92
C HIS A 224 1.79 19.67 -13.43
N ARG A 225 2.70 20.47 -12.94
CA ARG A 225 4.00 19.96 -12.51
C ARG A 225 3.97 19.26 -11.13
N TRP A 226 2.91 19.47 -10.36
CA TRP A 226 2.71 18.69 -9.14
C TRP A 226 2.41 17.19 -9.38
N TRP A 227 1.71 16.92 -10.49
CA TRP A 227 1.07 15.65 -10.75
C TRP A 227 1.91 14.77 -11.65
N GLY A 228 2.60 13.80 -11.05
CA GLY A 228 3.44 12.86 -11.80
C GLY A 228 2.71 11.58 -12.20
N GLY A 229 3.49 10.65 -12.74
CA GLY A 229 2.97 9.39 -13.31
C GLY A 229 1.99 9.63 -14.45
N GLN A 230 1.21 8.62 -14.78
CA GLN A 230 0.29 8.77 -15.85
C GLN A 230 -1.10 8.31 -15.41
N PRO A 231 -2.02 9.26 -15.22
CA PRO A 231 -3.37 8.93 -14.72
C PRO A 231 -4.20 8.20 -15.76
N LEU A 232 -5.24 7.51 -15.27
CA LEU A 232 -6.08 6.64 -16.11
C LEU A 232 -6.64 7.35 -17.34
N TRP A 233 -7.11 8.59 -17.18
CA TRP A 233 -7.68 9.32 -18.33
C TRP A 233 -6.65 9.56 -19.44
N ILE A 234 -5.37 9.66 -19.10
CA ILE A 234 -4.29 9.85 -20.11
C ILE A 234 -3.89 8.52 -20.71
N THR A 235 -3.89 7.49 -19.87
CA THR A 235 -3.57 6.14 -20.33
C THR A 235 -4.65 5.74 -21.36
N ALA A 236 -5.90 6.11 -21.08
CA ALA A 236 -6.99 5.82 -21.98
C ALA A 236 -6.82 6.60 -23.31
N THR A 237 -6.66 7.91 -23.21
CA THR A 237 -6.56 8.79 -24.39
C THR A 237 -5.42 8.37 -25.30
N LYS A 238 -4.21 8.20 -24.74
CA LYS A 238 -3.06 7.71 -25.52
C LYS A 238 -3.33 6.43 -26.29
N GLN A 239 -4.17 5.54 -25.75
CA GLN A 239 -4.43 4.24 -26.37
C GLN A 239 -5.77 4.22 -27.11
N GLY A 240 -6.31 5.37 -27.48
CA GLY A 240 -7.52 5.35 -28.32
C GLY A 240 -8.88 5.22 -27.61
N VAL A 241 -8.88 5.21 -26.28
CA VAL A 241 -10.11 5.14 -25.49
C VAL A 241 -10.47 6.55 -24.96
N ARG A 242 -11.70 6.98 -25.18
CA ARG A 242 -12.12 8.35 -24.76
C ARG A 242 -12.52 8.40 -23.30
N ALA A 243 -12.24 9.51 -22.62
CA ALA A 243 -12.51 9.60 -21.20
C ALA A 243 -13.34 10.81 -20.80
N GLY A 244 -14.30 10.59 -19.90
CA GLY A 244 -15.05 11.68 -19.29
C GLY A 244 -14.15 12.42 -18.29
N THR A 245 -14.54 13.62 -17.91
CA THR A 245 -13.63 14.38 -17.02
C THR A 245 -13.77 13.79 -15.58
N PHE A 246 -12.67 13.72 -14.82
CA PHE A 246 -12.73 13.13 -13.47
C PHE A 246 -12.99 14.15 -12.34
N PHE A 247 -12.44 15.34 -12.47
CA PHE A 247 -12.59 16.37 -11.45
C PHE A 247 -13.91 17.14 -11.57
N TRP A 248 -14.67 17.23 -10.47
CA TRP A 248 -15.91 17.98 -10.44
C TRP A 248 -15.78 19.23 -9.54
N SER A 249 -16.07 20.43 -10.07
CA SER A 249 -16.11 21.65 -9.22
C SER A 249 -17.17 21.50 -8.13
N VAL A 250 -16.85 21.97 -6.92
CA VAL A 250 -17.73 21.81 -5.76
C VAL A 250 -19.13 22.45 -5.96
N SER A 251 -19.24 23.48 -6.78
CA SER A 251 -20.55 24.12 -6.97
C SER A 251 -21.48 23.39 -7.99
N ILE A 252 -20.99 22.33 -8.65
CA ILE A 252 -21.87 21.49 -9.51
C ILE A 252 -22.63 20.44 -8.68
N PRO A 253 -23.98 20.51 -8.68
CA PRO A 253 -24.64 19.60 -7.75
C PRO A 253 -24.53 18.13 -8.19
N HIS A 254 -24.70 17.21 -7.26
CA HIS A 254 -24.57 15.78 -7.54
C HIS A 254 -25.47 15.29 -8.63
N GLU A 255 -26.72 15.75 -8.64
CA GLU A 255 -27.69 15.36 -9.66
C GLU A 255 -27.22 15.74 -11.05
N ARG A 256 -26.60 16.91 -11.16
CA ARG A 256 -26.11 17.42 -12.44
C ARG A 256 -24.88 16.58 -12.89
N ARG A 257 -24.11 16.11 -11.94
CA ARG A 257 -22.91 15.31 -12.27
C ARG A 257 -23.39 14.00 -12.90
N ILE A 258 -24.39 13.38 -12.27
CA ILE A 258 -24.97 12.14 -12.75
C ILE A 258 -25.62 12.34 -14.14
N LEU A 259 -26.38 13.41 -14.29
CA LEU A 259 -27.12 13.61 -15.53
C LEU A 259 -26.14 13.85 -16.66
N THR A 260 -25.00 14.49 -16.34
CA THR A 260 -23.99 14.78 -17.33
C THR A 260 -23.35 13.47 -17.81
N ILE A 261 -23.09 12.55 -16.87
CA ILE A 261 -22.48 11.25 -17.20
C ILE A 261 -23.46 10.50 -18.08
N LEU A 262 -24.74 10.61 -17.75
CA LEU A 262 -25.76 9.90 -18.50
C LEU A 262 -25.91 10.51 -19.91
N GLN A 263 -25.79 11.82 -20.03
CA GLN A 263 -25.77 12.48 -21.34
C GLN A 263 -24.59 12.00 -22.20
N TRP A 264 -23.42 11.87 -21.59
CA TRP A 264 -22.23 11.48 -22.34
C TRP A 264 -22.41 10.09 -22.87
N LEU A 265 -23.11 9.26 -22.10
CA LEU A 265 -23.36 7.88 -22.47
C LEU A 265 -24.31 7.75 -23.65
N SER A 266 -25.04 8.83 -23.94
CA SER A 266 -25.94 8.89 -25.09
C SER A 266 -25.26 9.47 -26.35
N LEU A 267 -23.98 9.84 -26.26
CA LEU A 267 -23.30 10.38 -27.44
C LEU A 267 -23.16 9.32 -28.54
N PRO A 268 -22.93 9.76 -29.79
CA PRO A 268 -22.61 8.84 -30.87
C PRO A 268 -21.34 8.09 -30.57
N ASP A 269 -21.29 6.86 -31.09
CA ASP A 269 -20.17 5.94 -30.92
C ASP A 269 -18.78 6.59 -31.04
N ASN A 270 -18.56 7.43 -32.05
CA ASN A 270 -17.26 8.08 -32.21
C ASN A 270 -16.94 9.19 -31.16
N GLU A 271 -17.93 9.64 -30.39
CA GLU A 271 -17.66 10.73 -29.47
C GLU A 271 -17.82 10.29 -28.00
N ARG A 272 -18.42 9.13 -27.78
CA ARG A 272 -18.83 8.70 -26.44
C ARG A 272 -17.63 8.23 -25.59
N PRO A 273 -17.43 8.79 -24.37
CA PRO A 273 -16.34 8.19 -23.59
C PRO A 273 -16.60 6.74 -23.16
N SER A 274 -15.51 6.03 -22.88
CA SER A 274 -15.59 4.70 -22.29
C SER A 274 -15.29 4.71 -20.80
N VAL A 275 -14.71 5.78 -20.26
CA VAL A 275 -14.43 5.78 -18.82
C VAL A 275 -14.92 7.08 -18.24
N TYR A 276 -15.55 6.99 -17.04
CA TYR A 276 -16.21 8.09 -16.33
C TYR A 276 -15.92 8.03 -14.84
N ALA A 277 -15.96 9.19 -14.19
CA ALA A 277 -15.89 9.22 -12.70
C ALA A 277 -16.94 10.17 -12.17
N PHE A 278 -17.58 9.74 -11.10
CA PHE A 278 -18.38 10.60 -10.27
C PHE A 278 -17.61 10.75 -8.97
N TYR A 279 -17.76 11.89 -8.30
CA TYR A 279 -17.16 12.13 -7.00
C TYR A 279 -18.20 12.79 -6.11
N SER A 280 -18.26 12.35 -4.85
CA SER A 280 -19.06 13.03 -3.85
C SER A 280 -18.17 13.51 -2.68
N GLU A 281 -18.37 14.74 -2.22
CA GLU A 281 -17.61 15.32 -1.09
C GLU A 281 -18.08 14.70 0.23
N GLN A 282 -19.25 14.07 0.19
CA GLN A 282 -19.85 13.33 1.33
C GLN A 282 -19.50 11.84 1.23
N PRO A 283 -19.40 11.14 2.37
CA PRO A 283 -19.75 11.66 3.68
C PRO A 283 -18.62 12.40 4.45
N ASP A 284 -17.42 12.56 3.87
CA ASP A 284 -16.31 13.24 4.55
C ASP A 284 -16.66 14.62 5.13
N PHE A 285 -17.34 15.44 4.35
CA PHE A 285 -17.63 16.81 4.76
C PHE A 285 -18.42 16.86 6.08
N SER A 286 -19.47 16.07 6.19
CA SER A 286 -20.19 15.92 7.44
C SER A 286 -19.36 15.21 8.52
N GLY A 287 -18.59 14.20 8.10
CA GLY A 287 -17.73 13.45 9.03
C GLY A 287 -16.80 14.33 9.85
N HIS A 288 -16.21 15.34 9.22
CA HIS A 288 -15.36 16.25 9.93
C HIS A 288 -16.10 17.00 11.06
N LYS A 289 -17.33 17.42 10.78
CA LYS A 289 -18.14 18.19 11.72
C LYS A 289 -18.70 17.33 12.84
N TYR A 290 -19.12 16.09 12.55
CA TYR A 290 -19.88 15.32 13.52
C TYR A 290 -19.25 14.03 13.99
N GLY A 291 -18.04 13.71 13.54
CA GLY A 291 -17.43 12.39 13.80
C GLY A 291 -17.97 11.27 12.89
N PRO A 292 -17.20 10.18 12.77
CA PRO A 292 -17.59 9.10 11.85
C PRO A 292 -19.00 8.57 12.06
N PHE A 293 -19.46 8.44 13.32
CA PHE A 293 -20.80 7.88 13.60
C PHE A 293 -21.76 8.84 14.32
N GLY A 294 -21.55 10.13 14.16
CA GLY A 294 -22.43 11.14 14.77
C GLY A 294 -23.83 10.93 14.22
N PRO A 295 -24.88 11.15 15.05
CA PRO A 295 -26.23 10.92 14.56
C PRO A 295 -26.52 11.69 13.27
N GLU A 296 -25.83 12.80 13.07
CA GLU A 296 -26.01 13.61 11.84
C GLU A 296 -25.52 12.89 10.57
N MET A 297 -24.82 11.77 10.75
CA MET A 297 -24.21 11.03 9.63
C MET A 297 -25.19 10.15 8.82
N THR A 298 -26.37 9.91 9.37
CA THR A 298 -27.35 9.07 8.69
C THR A 298 -27.82 9.69 7.40
N ASN A 299 -28.12 10.99 7.45
CA ASN A 299 -28.61 11.72 6.30
C ASN A 299 -27.66 11.79 5.08
N PRO A 300 -26.37 12.19 5.29
CA PRO A 300 -25.43 12.09 4.17
C PRO A 300 -25.38 10.67 3.56
N LEU A 301 -25.47 9.60 4.37
CA LEU A 301 -25.45 8.25 3.81
C LEU A 301 -26.69 7.96 2.97
N ARG A 302 -27.85 8.45 3.44
CA ARG A 302 -29.08 8.34 2.67
C ARG A 302 -28.94 9.03 1.34
N GLU A 303 -28.36 10.22 1.35
CA GLU A 303 -28.29 11.03 0.13
C GLU A 303 -27.33 10.42 -0.89
N ILE A 304 -26.20 9.88 -0.43
CA ILE A 304 -25.31 9.16 -1.33
C ILE A 304 -26.02 7.97 -1.95
N ASP A 305 -26.76 7.21 -1.14
CA ASP A 305 -27.50 6.07 -1.66
C ASP A 305 -28.53 6.47 -2.71
N LYS A 306 -29.22 7.57 -2.47
CA LYS A 306 -30.16 8.11 -3.43
C LYS A 306 -29.48 8.47 -4.77
N THR A 307 -28.29 9.08 -4.71
CA THR A 307 -27.50 9.36 -5.93
C THR A 307 -27.11 8.11 -6.72
N VAL A 308 -26.73 7.04 -6.02
CA VAL A 308 -26.43 5.75 -6.68
C VAL A 308 -27.70 5.23 -7.37
N GLY A 309 -28.82 5.35 -6.66
CA GLY A 309 -30.14 4.96 -7.19
C GLY A 309 -30.42 5.71 -8.49
N GLN A 310 -30.13 7.01 -8.49
CA GLN A 310 -30.34 7.84 -9.68
C GLN A 310 -29.44 7.36 -10.84
N LEU A 311 -28.18 7.03 -10.58
CA LEU A 311 -27.32 6.50 -11.62
C LEU A 311 -27.87 5.18 -12.18
N MET A 312 -28.26 4.26 -11.30
CA MET A 312 -28.69 2.94 -11.74
C MET A 312 -30.03 3.01 -12.49
N ASP A 313 -30.92 3.90 -12.06
CA ASP A 313 -32.21 4.06 -12.74
C ASP A 313 -31.92 4.66 -14.10
N GLY A 314 -31.04 5.67 -14.12
CA GLY A 314 -30.62 6.27 -15.39
C GLY A 314 -29.97 5.27 -16.35
N LEU A 315 -29.13 4.37 -15.82
CA LEU A 315 -28.50 3.36 -16.67
C LEU A 315 -29.56 2.39 -17.21
N LYS A 316 -30.49 1.98 -16.36
CA LYS A 316 -31.54 1.05 -16.78
C LYS A 316 -32.40 1.62 -17.92
N GLN A 317 -32.82 2.88 -17.80
CA GLN A 317 -33.52 3.63 -18.88
C GLN A 317 -32.76 3.62 -20.19
N LEU A 318 -31.45 3.76 -20.13
CA LEU A 318 -30.66 3.71 -21.34
C LEU A 318 -30.33 2.27 -21.80
N ARG A 319 -30.89 1.25 -21.13
CA ARG A 319 -30.47 -0.13 -21.34
C ARG A 319 -28.94 -0.36 -21.16
N LEU A 320 -28.34 0.25 -20.13
CA LEU A 320 -26.91 0.09 -19.86
C LEU A 320 -26.66 -0.54 -18.50
N HIS A 321 -27.71 -0.89 -17.77
CA HIS A 321 -27.51 -1.43 -16.41
C HIS A 321 -26.94 -2.86 -16.34
N ARG A 322 -26.86 -3.55 -17.49
CA ARG A 322 -26.20 -4.85 -17.55
C ARG A 322 -25.05 -4.80 -18.55
N CYS A 323 -24.54 -3.59 -18.78
CA CYS A 323 -23.47 -3.36 -19.72
C CYS A 323 -22.30 -2.62 -19.05
N VAL A 324 -22.61 -1.65 -18.19
CA VAL A 324 -21.60 -0.82 -17.56
C VAL A 324 -20.93 -1.54 -16.35
N ASN A 325 -19.59 -1.46 -16.24
CA ASN A 325 -18.95 -1.89 -14.99
C ASN A 325 -18.92 -0.68 -14.05
N VAL A 326 -19.39 -0.84 -12.82
CA VAL A 326 -19.41 0.23 -11.82
C VAL A 326 -18.45 -0.15 -10.70
N ILE A 327 -17.57 0.78 -10.33
CA ILE A 327 -16.71 0.64 -9.17
C ILE A 327 -17.11 1.69 -8.12
N PHE A 328 -17.48 1.21 -6.92
CA PHE A 328 -17.86 2.06 -5.78
C PHE A 328 -16.67 2.01 -4.83
N VAL A 329 -16.02 3.14 -4.65
CA VAL A 329 -14.74 3.19 -3.97
C VAL A 329 -14.64 4.50 -3.15
N GLY A 330 -14.08 4.39 -1.94
CA GLY A 330 -13.72 5.60 -1.20
C GLY A 330 -12.25 5.95 -1.24
N ASP A 331 -11.92 7.16 -0.79
CA ASP A 331 -10.51 7.54 -0.75
C ASP A 331 -9.86 7.14 0.63
N HIS A 332 -10.63 7.24 1.72
CA HIS A 332 -10.12 6.99 3.12
C HIS A 332 -11.33 6.90 4.02
N GLY A 333 -11.13 6.49 5.27
CA GLY A 333 -12.20 6.49 6.26
C GLY A 333 -12.16 7.79 7.07
N MET A 334 -12.55 7.69 8.35
CA MET A 334 -12.71 8.86 9.21
C MET A 334 -12.65 8.36 10.65
N GLU A 335 -12.02 9.14 11.53
CA GLU A 335 -11.79 8.74 12.92
C GLU A 335 -12.32 9.90 13.80
N ASP A 336 -12.63 9.59 15.06
CA ASP A 336 -12.96 10.61 16.08
C ASP A 336 -11.73 11.38 16.52
N VAL A 337 -11.78 12.68 16.29
CA VAL A 337 -10.68 13.57 16.63
C VAL A 337 -11.33 14.88 17.08
N THR A 338 -10.93 15.38 18.26
CA THR A 338 -11.33 16.70 18.74
C THR A 338 -10.12 17.57 19.17
N CYS A 339 -10.39 18.88 19.27
CA CYS A 339 -9.35 19.93 19.59
C CYS A 339 -8.58 19.67 20.87
N ASP A 340 -9.23 19.14 21.88
CA ASP A 340 -8.53 18.85 23.11
C ASP A 340 -7.52 17.71 22.99
N ARG A 341 -7.63 16.84 21.97
CA ARG A 341 -6.57 15.83 21.70
C ARG A 341 -5.56 16.40 20.69
N THR A 342 -4.85 17.43 21.13
CA THR A 342 -3.80 18.04 20.37
C THR A 342 -2.55 18.06 21.24
N GLU A 343 -1.47 17.51 20.73
CA GLU A 343 -0.15 17.65 21.26
C GLU A 343 0.47 18.93 20.68
N PHE A 344 1.17 19.71 21.50
CA PHE A 344 1.79 20.96 21.05
C PHE A 344 3.30 20.91 21.07
N LEU A 345 3.91 21.18 19.92
CA LEU A 345 5.37 21.12 19.85
C LEU A 345 6.02 22.15 20.84
N SER A 346 5.23 23.16 21.24
CA SER A 346 5.76 24.20 22.11
C SER A 346 5.94 23.62 23.51
N ASN A 347 5.30 22.49 23.78
CA ASN A 347 5.53 21.79 25.03
C ASN A 347 6.79 20.92 25.09
N TYR A 348 7.55 20.88 23.98
CA TYR A 348 8.73 20.01 23.84
C TYR A 348 9.92 20.80 23.39
N LEU A 349 9.71 21.78 22.51
CA LEU A 349 10.81 22.51 21.93
C LEU A 349 10.88 23.95 22.48
N THR A 350 12.10 24.44 22.72
CA THR A 350 12.28 25.85 23.08
C THR A 350 12.37 26.70 21.80
N ASN A 351 13.06 26.20 20.78
CA ASN A 351 13.18 26.84 19.46
C ASN A 351 11.93 26.92 18.54
N VAL A 352 10.73 26.74 19.09
CA VAL A 352 9.52 26.51 18.26
C VAL A 352 9.30 27.46 17.04
N ASP A 353 9.86 28.68 17.09
CA ASP A 353 9.73 29.64 16.00
C ASP A 353 10.77 29.53 14.89
N ASP A 354 11.72 28.62 15.04
CA ASP A 354 12.71 28.38 14.00
C ASP A 354 12.25 27.26 13.06
N ILE A 355 11.09 26.65 13.34
CA ILE A 355 10.56 25.53 12.51
C ILE A 355 9.24 25.84 11.86
N THR A 356 9.04 25.22 10.69
CA THR A 356 7.76 25.14 9.97
C THR A 356 7.19 23.74 10.23
N LEU A 357 5.99 23.66 10.81
CA LEU A 357 5.30 22.39 10.88
C LEU A 357 4.11 22.33 9.89
N VAL A 358 4.08 21.29 9.04
CA VAL A 358 2.78 20.88 8.42
C VAL A 358 2.00 20.10 9.48
N PRO A 359 0.84 20.61 9.93
CA PRO A 359 0.27 20.01 11.11
C PRO A 359 -0.90 19.04 10.85
N GLY A 360 -1.42 18.50 11.95
CA GLY A 360 -2.70 17.80 11.97
C GLY A 360 -2.53 16.35 12.35
N THR A 361 -2.98 15.45 11.46
CA THR A 361 -3.02 14.02 11.76
C THR A 361 -1.70 13.36 11.36
N LEU A 362 -0.77 14.18 10.87
CA LEU A 362 0.62 13.77 10.70
C LEU A 362 1.42 15.04 10.92
N GLY A 363 2.71 14.91 11.16
CA GLY A 363 3.55 16.10 11.23
C GLY A 363 4.69 16.04 10.24
N ARG A 364 5.00 17.16 9.62
CA ARG A 364 6.18 17.30 8.79
C ARG A 364 6.91 18.60 9.18
N ILE A 365 8.17 18.44 9.57
CA ILE A 365 8.94 19.57 10.09
C ILE A 365 10.12 19.91 9.20
N ARG A 366 10.24 21.19 8.86
CA ARG A 366 11.49 21.68 8.31
C ARG A 366 11.91 23.02 9.00
N ALA A 367 13.05 23.55 8.60
CA ALA A 367 13.55 24.83 9.08
C ALA A 367 12.68 25.95 8.54
N LYS A 368 12.31 26.88 9.41
CA LYS A 368 11.66 28.10 8.96
C LYS A 368 12.48 28.84 7.89
N SER A 369 13.82 28.85 8.01
CA SER A 369 14.69 29.56 7.07
C SER A 369 15.99 28.82 6.71
N ILE A 370 16.27 28.64 5.40
CA ILE A 370 17.52 27.98 4.91
C ILE A 370 18.80 28.77 5.18
N ASN A 371 18.67 30.06 5.51
CA ASN A 371 19.80 30.89 5.94
C ASN A 371 20.24 30.56 7.37
N ASN A 372 19.35 29.93 8.13
CA ASN A 372 19.63 29.53 9.52
C ASN A 372 20.48 28.25 9.65
N SER A 373 21.79 28.42 9.77
CA SER A 373 22.73 27.29 9.91
C SER A 373 22.78 26.74 11.34
N LYS A 374 22.10 27.42 12.26
CA LYS A 374 21.96 26.95 13.64
C LYS A 374 21.04 25.72 13.73
N TYR A 375 19.89 25.80 13.06
CA TYR A 375 18.89 24.72 13.03
C TYR A 375 19.53 23.33 12.85
N ASP A 376 19.16 22.40 13.75
CA ASP A 376 19.71 21.02 13.76
C ASP A 376 18.60 19.94 13.87
N PRO A 377 18.37 19.18 12.79
CA PRO A 377 17.34 18.13 12.84
C PRO A 377 17.53 17.13 13.98
N LYS A 378 18.80 16.79 14.26
CA LYS A 378 19.16 15.79 15.26
C LYS A 378 18.66 16.17 16.63
N THR A 379 18.87 17.42 17.00
CA THR A 379 18.43 17.89 18.32
C THR A 379 16.90 18.09 18.37
N ILE A 380 16.30 18.37 17.21
CA ILE A 380 14.84 18.40 17.14
C ILE A 380 14.27 17.02 17.46
N ILE A 381 14.79 16.00 16.75
CA ILE A 381 14.30 14.63 16.94
C ILE A 381 14.44 14.28 18.40
N ALA A 382 15.63 14.50 18.96
CA ALA A 382 15.88 14.11 20.36
C ALA A 382 14.94 14.81 21.35
N ALA A 383 14.67 16.10 21.12
CA ALA A 383 13.72 16.86 21.96
C ALA A 383 12.26 16.36 21.85
N LEU A 384 11.94 15.62 20.78
CA LEU A 384 10.58 15.08 20.56
C LEU A 384 10.45 13.57 20.89
N THR A 385 11.54 12.92 21.30
CA THR A 385 11.55 11.46 21.51
C THR A 385 11.29 11.07 22.97
N CYS A 386 10.23 10.29 23.19
CA CYS A 386 9.86 9.73 24.49
C CYS A 386 9.96 10.73 25.68
N LYS A 387 9.46 11.93 25.47
CA LYS A 387 9.52 12.96 26.49
C LYS A 387 8.39 12.96 27.52
N LYS A 388 7.19 12.54 27.14
CA LYS A 388 6.04 12.42 28.06
C LYS A 388 5.52 10.98 28.09
N PRO A 389 5.00 10.51 29.25
CA PRO A 389 4.63 9.09 29.38
C PRO A 389 3.61 8.57 28.37
N ASP A 390 2.67 9.39 27.93
CA ASP A 390 1.68 8.86 26.99
C ASP A 390 1.76 9.50 25.61
N GLN A 391 2.90 10.14 25.34
CA GLN A 391 3.14 10.91 24.12
C GLN A 391 2.35 10.38 22.90
N HIS A 392 1.52 11.22 22.28
CA HIS A 392 0.63 10.75 21.19
C HIS A 392 1.13 10.98 19.75
N PHE A 393 2.43 11.14 19.58
CA PHE A 393 3.07 11.14 18.26
C PHE A 393 4.49 10.59 18.44
N LYS A 394 5.13 10.18 17.35
CA LYS A 394 6.50 9.63 17.44
C LYS A 394 7.26 10.24 16.31
N PRO A 395 8.40 10.90 16.62
CA PRO A 395 9.20 11.48 15.56
C PRO A 395 10.08 10.44 14.80
N TYR A 396 10.33 10.71 13.51
CA TYR A 396 11.14 9.84 12.71
C TYR A 396 11.89 10.67 11.69
N MET A 397 13.15 10.31 11.39
CA MET A 397 13.71 10.68 10.11
CA MET A 397 13.74 10.65 10.10
C MET A 397 12.87 9.89 9.09
N LYS A 398 12.59 10.47 7.93
CA LYS A 398 11.66 9.82 7.01
C LYS A 398 12.16 8.43 6.58
N GLN A 399 13.47 8.26 6.47
CA GLN A 399 14.05 6.99 5.99
C GLN A 399 13.88 5.87 7.03
N HIS A 400 13.55 6.24 8.26
CA HIS A 400 13.32 5.27 9.33
C HIS A 400 11.86 4.94 9.53
N LEU A 401 10.96 5.63 8.83
CA LEU A 401 9.53 5.25 8.81
C LEU A 401 9.37 3.79 8.34
N PRO A 402 8.40 3.04 8.90
CA PRO A 402 8.12 1.68 8.42
C PRO A 402 8.11 1.67 6.89
N LYS A 403 8.84 0.73 6.32
CA LYS A 403 8.96 0.60 4.88
C LYS A 403 7.62 0.39 4.21
N ARG A 404 6.64 -0.20 4.91
CA ARG A 404 5.33 -0.47 4.28
C ARG A 404 4.59 0.82 3.91
N LEU A 405 5.00 1.95 4.50
CA LEU A 405 4.37 3.25 4.17
C LEU A 405 4.85 3.86 2.84
N HIS A 406 6.00 3.40 2.35
CA HIS A 406 6.60 3.93 1.11
C HIS A 406 6.60 5.47 1.06
N TYR A 407 7.01 6.08 2.16
CA TYR A 407 6.83 7.48 2.30
C TYR A 407 8.15 8.22 2.59
N ALA A 408 9.02 8.30 1.59
CA ALA A 408 10.34 8.89 1.83
C ALA A 408 11.00 9.47 0.60
N ASN A 409 10.84 8.81 -0.53
CA ASN A 409 11.63 9.12 -1.70
C ASN A 409 11.00 10.25 -2.52
N ASN A 410 10.87 11.42 -1.92
CA ASN A 410 10.37 12.57 -2.67
C ASN A 410 10.85 13.81 -1.94
N ARG A 411 11.36 14.79 -2.69
CA ARG A 411 11.86 16.04 -2.11
C ARG A 411 10.76 16.87 -1.44
N ARG A 412 9.50 16.54 -1.67
CA ARG A 412 8.40 17.26 -1.02
C ARG A 412 8.09 16.70 0.32
N ILE A 413 8.74 15.60 0.70
CA ILE A 413 8.51 15.01 2.03
C ILE A 413 9.68 15.45 2.91
N GLU A 414 9.39 16.20 3.98
CA GLU A 414 10.41 16.73 4.86
C GLU A 414 11.16 15.60 5.56
N ASP A 415 12.43 15.86 5.85
CA ASP A 415 13.25 14.84 6.47
C ASP A 415 12.69 14.41 7.82
N ILE A 416 12.06 15.33 8.55
CA ILE A 416 11.52 14.98 9.86
C ILE A 416 10.02 14.76 9.75
N HIS A 417 9.56 13.62 10.27
CA HIS A 417 8.15 13.26 10.19
C HIS A 417 7.65 12.87 11.54
N LEU A 418 6.41 13.22 11.84
CA LEU A 418 5.75 12.76 13.05
C LEU A 418 4.57 11.87 12.68
N LEU A 419 4.63 10.62 13.12
CA LEU A 419 3.51 9.69 13.02
C LEU A 419 2.68 9.91 14.23
N VAL A 420 1.41 10.26 14.00
CA VAL A 420 0.52 10.69 15.08
C VAL A 420 -0.45 9.55 15.43
N ASP A 421 -0.69 9.35 16.72
CA ASP A 421 -1.64 8.34 17.15
C ASP A 421 -3.05 8.63 16.62
N ARG A 422 -3.76 7.55 16.30
CA ARG A 422 -5.13 7.67 15.89
C ARG A 422 -5.87 8.44 17.01
N ARG A 423 -6.78 9.31 16.59
CA ARG A 423 -7.63 10.09 17.52
CA ARG A 423 -7.63 10.11 17.50
C ARG A 423 -7.02 11.45 17.93
N TRP A 424 -5.74 11.65 17.55
CA TRP A 424 -4.95 12.83 17.93
C TRP A 424 -4.52 13.73 16.79
N HIS A 425 -4.15 14.95 17.18
CA HIS A 425 -3.59 15.95 16.30
C HIS A 425 -2.26 16.42 16.92
N VAL A 426 -1.37 16.91 16.06
CA VAL A 426 -0.19 17.63 16.52
C VAL A 426 -0.28 19.03 15.93
N ALA A 427 0.09 20.03 16.74
CA ALA A 427 0.20 21.41 16.24
C ALA A 427 1.47 22.06 16.84
N ARG A 428 1.89 23.19 16.28
CA ARG A 428 3.10 23.89 16.75
C ARG A 428 2.90 24.62 18.10
N LYS A 429 1.84 25.43 18.20
CA LYS A 429 1.50 26.25 19.40
C LYS A 429 -0.02 26.24 19.64
N PRO A 430 -0.46 26.29 20.91
CA PRO A 430 -1.89 26.37 21.20
C PRO A 430 -2.69 27.42 20.42
N LEU A 431 -2.06 28.55 20.06
CA LEU A 431 -2.73 29.61 19.30
C LEU A 431 -3.16 29.15 17.92
N ASP A 432 -2.42 28.24 17.31
CA ASP A 432 -2.79 27.64 16.00
C ASP A 432 -4.15 26.94 16.04
N VAL A 433 -4.44 26.24 17.14
CA VAL A 433 -5.66 25.45 17.29
C VAL A 433 -6.93 26.27 17.53
N TYR A 434 -6.89 27.23 18.46
CA TYR A 434 -8.04 28.10 18.76
C TYR A 434 -8.11 29.47 18.00
N LYS A 435 -7.06 29.83 17.25
CA LYS A 435 -7.07 30.96 16.29
C LYS A 435 -6.99 30.41 14.84
N LYS A 436 -7.99 29.63 14.42
CA LYS A 436 -7.98 28.94 13.12
C LYS A 436 -8.93 29.56 12.11
N CYS A 441 -14.24 24.54 20.04
CA CYS A 441 -13.77 23.51 19.11
C CYS A 441 -14.74 23.22 17.99
N PHE A 442 -14.23 23.31 16.77
CA PHE A 442 -15.04 23.15 15.57
C PHE A 442 -15.39 21.66 15.27
N PHE A 443 -14.37 20.86 15.00
CA PHE A 443 -14.48 19.54 14.35
C PHE A 443 -14.57 18.33 15.28
N GLN A 444 -15.17 17.24 14.81
CA GLN A 444 -15.22 16.00 15.58
C GLN A 444 -14.62 14.80 14.86
N GLY A 445 -14.26 14.95 13.58
CA GLY A 445 -13.64 13.85 12.83
C GLY A 445 -12.44 14.31 12.03
N ASP A 446 -11.47 13.43 11.81
CA ASP A 446 -10.41 13.73 10.87
C ASP A 446 -9.80 12.42 10.36
N HIS A 447 -8.88 12.51 9.41
CA HIS A 447 -8.29 11.33 8.84
C HIS A 447 -6.91 11.76 8.41
N GLY A 448 -6.03 10.82 8.10
CA GLY A 448 -4.67 11.18 7.65
C GLY A 448 -3.65 10.24 8.27
N PHE A 449 -4.08 9.49 9.29
CA PHE A 449 -3.19 8.60 10.06
C PHE A 449 -2.64 7.43 9.23
N ASP A 450 -1.67 6.73 9.81
CA ASP A 450 -1.15 5.44 9.33
C ASP A 450 -2.25 4.62 8.59
N ASN A 451 -1.92 4.12 7.40
CA ASN A 451 -2.95 3.47 6.56
C ASN A 451 -3.30 2.05 6.97
N LYS A 452 -2.65 1.57 8.04
CA LYS A 452 -3.04 0.31 8.69
C LYS A 452 -4.20 0.49 9.70
N VAL A 453 -4.49 1.73 10.08
CA VAL A 453 -5.45 1.99 11.17
C VAL A 453 -6.85 1.65 10.70
N ASN A 454 -7.62 0.88 11.50
CA ASN A 454 -8.94 0.40 11.06
C ASN A 454 -9.90 1.50 10.63
N SER A 455 -9.91 2.58 11.39
CA SER A 455 -10.81 3.69 11.08
C SER A 455 -10.45 4.37 9.76
N MET A 456 -9.22 4.21 9.27
CA MET A 456 -8.86 4.80 7.96
C MET A 456 -9.25 3.94 6.75
N GLN A 457 -9.65 2.69 6.98
CA GLN A 457 -10.00 1.76 5.87
C GLN A 457 -11.24 2.27 5.12
N THR A 458 -11.27 2.01 3.82
CA THR A 458 -12.39 2.48 3.04
C THR A 458 -13.03 1.27 2.31
N VAL A 459 -13.76 1.53 1.22
CA VAL A 459 -14.59 0.47 0.61
C VAL A 459 -14.22 0.16 -0.81
N PHE A 460 -14.51 -1.07 -1.23
CA PHE A 460 -14.52 -1.38 -2.67
C PHE A 460 -15.71 -2.26 -3.01
N VAL A 461 -16.45 -1.91 -4.06
CA VAL A 461 -17.46 -2.83 -4.62
C VAL A 461 -17.30 -2.73 -6.14
N GLY A 462 -17.28 -3.88 -6.84
CA GLY A 462 -17.28 -3.89 -8.32
C GLY A 462 -18.53 -4.62 -8.80
N TYR A 463 -19.24 -3.99 -9.72
CA TYR A 463 -20.51 -4.52 -10.21
C TYR A 463 -20.52 -4.37 -11.71
N GLY A 464 -20.78 -5.46 -12.42
CA GLY A 464 -20.96 -5.40 -13.88
C GLY A 464 -20.60 -6.73 -14.51
N PRO A 465 -20.63 -6.80 -15.87
CA PRO A 465 -20.39 -8.03 -16.61
C PRO A 465 -18.94 -8.51 -16.41
N THR A 466 -17.99 -7.60 -16.11
CA THR A 466 -16.60 -8.06 -16.02
C THR A 466 -16.22 -8.50 -14.61
N PHE A 467 -16.99 -8.07 -13.60
CA PHE A 467 -16.77 -8.50 -12.21
C PHE A 467 -17.50 -9.81 -11.92
N LYS A 468 -17.07 -10.50 -10.87
CA LYS A 468 -17.75 -11.72 -10.48
CA LYS A 468 -17.74 -11.73 -10.44
C LYS A 468 -19.11 -11.47 -9.83
N TYR A 469 -19.92 -12.53 -9.80
CA TYR A 469 -21.28 -12.45 -9.26
C TYR A 469 -21.30 -12.88 -7.79
N ARG A 470 -21.97 -12.13 -6.93
CA ARG A 470 -22.08 -12.42 -5.49
C ARG A 470 -20.80 -12.98 -4.89
N THR A 471 -19.67 -12.28 -5.02
CA THR A 471 -18.38 -12.82 -4.58
C THR A 471 -17.73 -11.88 -3.58
N LYS A 472 -17.21 -12.43 -2.49
CA LYS A 472 -16.45 -11.63 -1.57
C LYS A 472 -14.99 -11.91 -1.86
N VAL A 473 -14.15 -10.89 -1.82
CA VAL A 473 -12.69 -11.09 -1.99
C VAL A 473 -12.01 -10.54 -0.75
N PRO A 474 -10.80 -11.01 -0.45
CA PRO A 474 -10.09 -10.45 0.72
C PRO A 474 -9.71 -8.97 0.47
N PRO A 475 -9.41 -8.22 1.55
CA PRO A 475 -9.02 -6.82 1.49
C PRO A 475 -7.75 -6.68 0.68
N PHE A 476 -7.61 -5.57 -0.03
CA PHE A 476 -6.44 -5.34 -0.87
C PHE A 476 -6.17 -3.85 -0.81
N GLU A 477 -5.05 -3.42 -1.38
CA GLU A 477 -4.60 -2.02 -1.34
C GLU A 477 -5.05 -1.29 -2.56
N ASN A 478 -5.46 -0.04 -2.37
CA ASN A 478 -5.93 0.76 -3.52
C ASN A 478 -4.90 0.99 -4.68
N ILE A 479 -3.58 0.87 -4.40
CA ILE A 479 -2.53 0.91 -5.45
C ILE A 479 -2.74 -0.17 -6.55
N GLU A 480 -3.52 -1.20 -6.21
CA GLU A 480 -3.82 -2.31 -7.15
C GLU A 480 -4.90 -2.00 -8.19
N LEU A 481 -5.74 -1.00 -7.95
CA LEU A 481 -6.91 -0.78 -8.79
C LEU A 481 -6.63 -0.26 -10.18
N TYR A 482 -5.65 0.66 -10.33
CA TYR A 482 -5.29 1.14 -11.68
C TYR A 482 -5.12 0.01 -12.73
N ASN A 483 -4.31 -1.01 -12.41
CA ASN A 483 -4.14 -2.20 -13.26
C ASN A 483 -5.51 -2.83 -13.63
N VAL A 484 -6.37 -3.02 -12.64
CA VAL A 484 -7.69 -3.61 -12.87
C VAL A 484 -8.54 -2.73 -13.81
N MET A 485 -8.52 -1.42 -13.60
CA MET A 485 -9.27 -0.52 -14.43
C MET A 485 -8.71 -0.52 -15.84
N CYS A 486 -7.38 -0.61 -15.96
CA CYS A 486 -6.81 -0.81 -17.29
C CYS A 486 -7.32 -2.11 -17.93
N ASP A 487 -7.29 -3.20 -17.18
CA ASP A 487 -7.86 -4.48 -17.65
C ASP A 487 -9.35 -4.35 -18.08
N LEU A 488 -10.17 -3.66 -17.28
CA LEU A 488 -11.58 -3.49 -17.62
C LEU A 488 -11.75 -2.73 -18.92
N LEU A 489 -10.73 -1.96 -19.31
CA LEU A 489 -10.87 -1.10 -20.46
C LEU A 489 -10.02 -1.60 -21.64
N GLY A 490 -9.37 -2.75 -21.48
CA GLY A 490 -8.46 -3.24 -22.52
C GLY A 490 -7.26 -2.35 -22.76
N LEU A 491 -6.73 -1.71 -21.71
CA LEU A 491 -5.57 -0.79 -21.84
C LEU A 491 -4.33 -1.47 -21.30
N LYS A 492 -3.16 -1.09 -21.79
CA LYS A 492 -1.91 -1.55 -21.20
C LYS A 492 -1.56 -0.47 -20.15
N PRO A 493 -1.43 -0.88 -18.87
CA PRO A 493 -1.16 0.11 -17.80
C PRO A 493 0.25 0.70 -17.90
N ALA A 494 0.40 1.98 -17.59
CA ALA A 494 1.71 2.57 -17.40
C ALA A 494 2.45 1.88 -16.24
N PRO A 495 3.80 1.91 -16.21
CA PRO A 495 4.47 1.29 -15.05
C PRO A 495 3.94 1.82 -13.71
N ASN A 496 3.58 0.92 -12.79
CA ASN A 496 3.03 1.41 -11.53
C ASN A 496 3.38 0.47 -10.38
N ASN A 497 2.83 0.72 -9.19
CA ASN A 497 3.22 -0.05 -8.00
C ASN A 497 2.29 -1.19 -7.67
N GLY A 498 1.20 -1.30 -8.43
CA GLY A 498 0.37 -2.48 -8.33
C GLY A 498 1.19 -3.70 -8.77
N THR A 499 0.66 -4.88 -8.47
CA THR A 499 1.25 -6.16 -8.85
C THR A 499 0.19 -6.77 -9.77
N HIS A 500 0.42 -6.67 -11.07
CA HIS A 500 -0.61 -6.93 -12.06
C HIS A 500 -0.89 -8.42 -12.12
N GLY A 501 -2.15 -8.79 -11.88
CA GLY A 501 -2.52 -10.17 -11.67
C GLY A 501 -2.95 -10.48 -10.24
N SER A 502 -2.55 -9.67 -9.26
CA SER A 502 -2.87 -9.99 -7.89
C SER A 502 -4.38 -9.83 -7.61
N LEU A 503 -5.10 -9.09 -8.47
CA LEU A 503 -6.56 -8.93 -8.36
C LEU A 503 -7.34 -9.66 -9.45
N ASN A 504 -6.71 -10.65 -10.11
CA ASN A 504 -7.43 -11.47 -11.08
C ASN A 504 -8.69 -12.16 -10.51
N HIS A 505 -8.67 -12.51 -9.22
CA HIS A 505 -9.82 -13.18 -8.61
C HIS A 505 -11.01 -12.25 -8.41
N LEU A 506 -10.94 -11.01 -8.88
CA LEU A 506 -12.13 -10.12 -8.81
C LEU A 506 -12.95 -10.24 -10.08
N LEU A 507 -12.32 -10.78 -11.11
CA LEU A 507 -12.82 -10.62 -12.48
C LEU A 507 -13.32 -11.94 -13.02
N ARG A 508 -14.47 -11.85 -13.71
CA ARG A 508 -15.07 -12.93 -14.47
C ARG A 508 -14.23 -13.22 -15.72
N THR A 509 -13.79 -12.17 -16.42
CA THR A 509 -12.98 -12.30 -17.63
C THR A 509 -12.01 -11.13 -17.69
N ASN A 510 -11.23 -11.02 -18.77
CA ASN A 510 -10.25 -9.92 -18.97
C ASN A 510 -9.11 -10.04 -17.98
N THR A 511 -8.89 -11.25 -17.47
CA THR A 511 -7.81 -11.38 -16.52
C THR A 511 -6.49 -11.15 -17.31
N PHE A 512 -5.43 -10.85 -16.56
CA PHE A 512 -4.12 -10.55 -17.13
C PHE A 512 -3.28 -11.71 -16.66
N ARG A 513 -2.66 -12.39 -17.60
CA ARG A 513 -2.01 -13.64 -17.28
C ARG A 513 -0.52 -13.41 -17.23
N PRO A 514 0.00 -12.99 -16.06
CA PRO A 514 1.45 -12.67 -16.02
C PRO A 514 2.31 -13.93 -15.93
N THR A 515 3.59 -13.78 -16.25
CA THR A 515 4.59 -14.83 -16.17
C THR A 515 5.58 -14.48 -15.05
N MET A 516 6.23 -15.48 -14.48
CA MET A 516 7.22 -15.23 -13.45
C MET A 516 8.40 -14.48 -14.08
N PRO A 517 8.99 -13.54 -13.35
CA PRO A 517 10.15 -12.92 -14.02
C PRO A 517 11.28 -13.94 -14.20
N ASP A 518 12.09 -13.80 -15.25
CA ASP A 518 13.19 -14.77 -15.43
C ASP A 518 14.35 -14.53 -14.45
N GLU A 519 15.00 -15.60 -13.99
CA GLU A 519 16.16 -15.45 -13.14
C GLU A 519 17.27 -14.87 -14.00
N VAL A 520 18.02 -13.94 -13.43
CA VAL A 520 19.08 -13.33 -14.17
C VAL A 520 20.38 -14.04 -13.81
N SER A 521 20.57 -14.40 -12.54
CA SER A 521 21.84 -14.96 -12.13
C SER A 521 21.63 -16.35 -11.59
N ARG A 522 22.35 -17.30 -12.16
CA ARG A 522 22.23 -18.65 -11.67
C ARG A 522 23.27 -18.90 -10.61
N PRO A 523 22.94 -19.71 -9.61
CA PRO A 523 23.86 -19.87 -8.51
C PRO A 523 25.02 -20.79 -8.86
N ASN A 524 26.09 -20.70 -8.07
CA ASN A 524 27.15 -21.72 -8.00
C ASN A 524 26.82 -22.64 -6.83
N TYR A 525 27.28 -23.88 -6.90
CA TYR A 525 27.08 -24.88 -5.87
C TYR A 525 28.50 -25.37 -5.47
N PRO A 526 29.20 -24.59 -4.64
CA PRO A 526 30.58 -24.95 -4.31
C PRO A 526 30.68 -26.17 -3.43
N GLY A 527 31.72 -26.96 -3.67
CA GLY A 527 32.03 -28.02 -2.73
C GLY A 527 33.17 -27.57 -1.83
N ILE A 528 33.80 -28.53 -1.19
CA ILE A 528 34.90 -28.26 -0.28
C ILE A 528 36.15 -27.92 -1.06
N MET A 529 36.60 -26.66 -0.97
CA MET A 529 37.67 -26.17 -1.85
CA MET A 529 37.69 -26.20 -1.85
C MET A 529 38.82 -25.51 -1.11
N TYR A 530 38.67 -25.35 0.20
CA TYR A 530 39.67 -24.60 0.99
C TYR A 530 40.01 -25.33 2.27
N LEU A 531 41.29 -25.25 2.64
CA LEU A 531 41.73 -25.85 3.89
C LEU A 531 41.62 -24.80 4.97
N GLN A 532 41.27 -25.26 6.17
CA GLN A 532 41.17 -24.40 7.34
C GLN A 532 42.29 -23.36 7.42
N SER A 533 43.53 -23.81 7.28
CA SER A 533 44.68 -22.91 7.48
C SER A 533 44.82 -21.80 6.42
N GLU A 534 44.11 -21.90 5.30
CA GLU A 534 44.12 -20.79 4.33
C GLU A 534 43.41 -19.56 4.87
N PHE A 535 42.67 -19.70 5.98
CA PHE A 535 41.87 -18.57 6.46
C PHE A 535 42.63 -17.81 7.51
N ASP A 536 42.73 -16.52 7.35
CA ASP A 536 43.28 -15.70 8.41
C ASP A 536 42.28 -14.59 8.70
N LEU A 537 41.19 -14.97 9.36
CA LEU A 537 40.11 -14.05 9.50
C LEU A 537 40.05 -13.55 10.92
N GLY A 538 40.88 -14.11 11.79
CA GLY A 538 40.92 -13.70 13.20
C GLY A 538 39.75 -14.29 13.98
N CYS A 539 39.17 -15.33 13.41
CA CYS A 539 38.01 -16.01 14.00
C CYS A 539 38.53 -17.18 14.77
N THR A 540 37.86 -17.53 15.86
CA THR A 540 38.23 -18.74 16.62
C THR A 540 36.99 -19.58 16.98
N CYS A 541 37.16 -20.89 17.02
CA CYS A 541 36.13 -21.77 17.55
C CYS A 541 36.70 -22.93 18.32
N ASP A 542 36.15 -23.18 19.51
CA ASP A 542 36.42 -24.40 20.29
C ASP A 542 35.63 -25.59 19.68
N ASP A 543 36.20 -26.24 18.67
CA ASP A 543 35.45 -27.23 17.90
C ASP A 543 36.19 -28.48 17.37
N LYS A 544 37.50 -28.57 17.60
CA LYS A 544 38.31 -29.72 17.12
C LYS A 544 38.01 -31.08 17.79
N VAL A 545 36.83 -31.21 18.41
CA VAL A 545 36.45 -32.48 19.08
C VAL A 545 35.91 -33.50 18.03
N GLU A 546 36.65 -34.61 17.86
CA GLU A 546 36.40 -35.61 16.79
C GLU A 546 35.20 -36.51 17.01
N ASN A 549 33.31 -41.64 12.81
CA ASN A 549 32.31 -42.67 12.56
C ASN A 549 31.86 -42.68 11.11
N LYS A 550 31.90 -43.85 10.48
CA LYS A 550 31.46 -44.01 9.08
C LYS A 550 29.94 -43.98 8.80
N LEU A 551 29.12 -44.21 9.82
CA LEU A 551 27.66 -44.07 9.73
C LEU A 551 27.32 -42.59 9.41
N GLU A 552 27.60 -41.70 10.37
CA GLU A 552 27.28 -40.27 10.27
C GLU A 552 28.32 -39.41 9.52
N GLU A 553 29.33 -40.07 8.94
CA GLU A 553 30.21 -39.37 7.99
C GLU A 553 29.56 -39.25 6.61
N LEU A 554 28.95 -40.33 6.11
CA LEU A 554 28.14 -40.28 4.86
C LEU A 554 26.87 -39.40 5.05
N ASN A 555 26.31 -39.46 6.27
CA ASN A 555 25.21 -38.61 6.74
C ASN A 555 25.42 -37.09 6.54
N LYS A 556 26.50 -36.55 7.12
CA LYS A 556 26.86 -35.12 7.07
C LYS A 556 27.16 -34.60 5.64
N ARG A 557 27.82 -35.44 4.83
CA ARG A 557 28.09 -35.18 3.40
C ARG A 557 26.81 -35.00 2.59
N LEU A 558 25.80 -35.83 2.87
CA LEU A 558 24.53 -35.79 2.13
C LEU A 558 23.74 -34.50 2.46
N HIS A 559 23.82 -34.07 3.73
CA HIS A 559 23.26 -32.80 4.20
C HIS A 559 23.91 -31.61 3.49
N THR A 560 25.24 -31.64 3.44
CA THR A 560 26.01 -30.63 2.70
C THR A 560 25.73 -30.69 1.19
N LYS A 561 25.23 -31.83 0.70
CA LYS A 561 24.88 -31.96 -0.72
C LYS A 561 23.40 -31.64 -0.98
N GLY A 562 22.66 -31.35 0.10
CA GLY A 562 21.27 -30.89 -0.04
C GLY A 562 20.23 -31.96 0.17
N SER A 563 20.55 -32.96 1.00
CA SER A 563 19.59 -34.03 1.34
C SER A 563 18.32 -33.58 2.12
N THR A 564 18.48 -32.64 3.06
CA THR A 564 17.33 -32.11 3.81
C THR A 564 16.67 -30.90 3.12
N LYS A 565 17.17 -30.50 1.95
CA LYS A 565 16.72 -29.24 1.31
C LYS A 565 15.22 -29.14 1.07
N GLU A 566 14.55 -30.28 0.81
CA GLU A 566 13.11 -30.29 0.52
C GLU A 566 12.33 -29.94 1.79
N ARG A 567 12.93 -30.15 2.95
CA ARG A 567 12.33 -29.77 4.22
C ARG A 567 12.48 -28.23 4.46
N HIS A 568 13.62 -27.65 4.06
CA HIS A 568 13.92 -26.27 4.45
C HIS A 568 13.68 -25.26 3.35
N LEU A 569 13.70 -25.72 2.10
CA LEU A 569 13.32 -24.93 0.94
CA LEU A 569 13.30 -24.92 0.95
C LEU A 569 11.94 -25.36 0.39
N LEU A 570 10.87 -24.93 1.05
CA LEU A 570 9.53 -25.46 0.75
C LEU A 570 8.91 -25.03 -0.56
N TYR A 571 9.31 -23.85 -1.07
CA TYR A 571 8.64 -23.25 -2.22
C TYR A 571 9.62 -22.93 -3.32
N GLY A 572 10.73 -23.67 -3.31
CA GLY A 572 11.75 -23.49 -4.35
C GLY A 572 12.76 -22.47 -3.88
N ARG A 573 13.90 -22.35 -4.54
CA ARG A 573 14.80 -21.28 -4.14
C ARG A 573 14.32 -19.98 -4.76
N PRO A 574 14.52 -18.84 -4.07
CA PRO A 574 14.21 -17.52 -4.61
C PRO A 574 15.06 -17.30 -5.88
N ALA A 575 14.50 -16.63 -6.87
CA ALA A 575 15.24 -16.29 -8.07
C ALA A 575 15.88 -14.93 -7.85
N VAL A 576 17.12 -14.78 -8.29
CA VAL A 576 17.88 -13.54 -8.21
C VAL A 576 17.68 -12.82 -9.52
N LEU A 577 17.02 -11.66 -9.47
CA LEU A 577 16.62 -10.98 -10.70
C LEU A 577 17.54 -9.85 -11.12
N TYR A 578 18.80 -9.91 -10.71
CA TYR A 578 19.82 -8.96 -11.19
C TYR A 578 21.13 -9.73 -11.33
N ARG A 579 22.13 -9.10 -11.94
CA ARG A 579 23.40 -9.74 -12.24
CA ARG A 579 23.40 -9.76 -12.23
C ARG A 579 24.31 -9.71 -11.01
N THR A 580 24.72 -10.87 -10.54
CA THR A 580 25.54 -10.92 -9.35
C THR A 580 26.18 -12.28 -9.27
N SER A 581 27.09 -12.46 -8.32
CA SER A 581 27.78 -13.72 -8.13
CA SER A 581 27.72 -13.76 -8.15
C SER A 581 27.36 -14.33 -6.79
N TYR A 582 26.73 -15.50 -6.79
CA TYR A 582 26.35 -16.09 -5.50
C TYR A 582 26.42 -17.62 -5.50
N ASP A 583 26.44 -18.20 -4.31
CA ASP A 583 26.56 -19.62 -4.08
C ASP A 583 25.37 -20.13 -3.30
N ILE A 584 24.84 -21.28 -3.66
CA ILE A 584 23.91 -21.99 -2.77
C ILE A 584 24.70 -22.82 -1.77
N LEU A 585 24.40 -22.69 -0.48
CA LEU A 585 25.03 -23.44 0.60
C LEU A 585 23.97 -24.28 1.31
N TYR A 586 24.22 -25.59 1.35
CA TYR A 586 23.28 -26.51 2.02
C TYR A 586 23.76 -26.88 3.40
N HIS A 587 22.83 -27.11 4.31
CA HIS A 587 23.14 -27.57 5.66
C HIS A 587 22.00 -28.44 6.19
N THR A 588 22.28 -29.23 7.23
CA THR A 588 21.22 -29.99 7.91
C THR A 588 19.94 -29.20 8.20
N ASP A 589 20.08 -28.02 8.79
CA ASP A 589 18.92 -27.25 9.33
C ASP A 589 18.48 -26.04 8.45
N PHE A 590 19.24 -25.73 7.42
CA PHE A 590 19.01 -24.50 6.66
C PHE A 590 19.79 -24.48 5.36
N GLU A 591 19.25 -23.71 4.43
CA GLU A 591 19.83 -23.51 3.09
CA GLU A 591 19.87 -23.53 3.11
C GLU A 591 20.01 -22.02 2.88
N SER A 592 21.07 -21.60 2.20
CA SER A 592 21.26 -20.17 2.00
C SER A 592 21.78 -19.84 0.60
N GLY A 593 21.49 -18.62 0.14
CA GLY A 593 22.02 -18.12 -1.13
C GLY A 593 23.04 -17.09 -0.68
N TYR A 594 24.33 -17.39 -0.82
CA TYR A 594 25.40 -16.55 -0.23
C TYR A 594 26.05 -15.63 -1.27
N SER A 595 25.99 -14.31 -1.04
CA SER A 595 26.51 -13.35 -1.99
C SER A 595 28.02 -13.14 -1.83
N GLU A 596 28.79 -13.35 -2.90
CA GLU A 596 30.24 -13.16 -2.84
C GLU A 596 30.55 -11.65 -2.96
N ILE A 597 29.56 -10.88 -3.37
CA ILE A 597 29.74 -9.45 -3.54
C ILE A 597 29.49 -8.72 -2.21
N PHE A 598 28.43 -9.09 -1.51
CA PHE A 598 28.08 -8.40 -0.25
C PHE A 598 28.60 -9.16 0.95
N LEU A 599 29.28 -10.30 0.70
CA LEU A 599 29.92 -11.17 1.72
C LEU A 599 28.94 -11.68 2.82
N MET A 600 27.70 -11.92 2.42
CA MET A 600 26.75 -12.50 3.35
C MET A 600 25.61 -13.08 2.57
N PRO A 601 24.70 -13.80 3.24
CA PRO A 601 23.53 -14.28 2.48
C PRO A 601 22.57 -13.19 2.00
N LEU A 602 22.04 -13.39 0.80
CA LEU A 602 20.88 -12.63 0.35
C LEU A 602 19.65 -13.20 1.00
N TRP A 603 19.68 -14.49 1.29
CA TRP A 603 18.52 -15.16 1.88
C TRP A 603 19.01 -16.41 2.57
N THR A 604 18.26 -16.79 3.58
CA THR A 604 18.51 -18.00 4.37
C THR A 604 17.12 -18.60 4.65
N SER A 605 16.93 -19.88 4.33
CA SER A 605 15.66 -20.57 4.44
C SER A 605 15.73 -21.77 5.41
N TYR A 606 14.77 -21.82 6.31
CA TYR A 606 14.67 -22.93 7.26
C TYR A 606 13.23 -23.18 7.73
N THR A 607 12.93 -24.44 8.00
CA THR A 607 11.61 -24.83 8.51
C THR A 607 11.75 -25.29 9.94
N ILE A 608 10.87 -24.77 10.80
CA ILE A 608 10.75 -25.12 12.22
C ILE A 608 9.36 -25.79 12.40
N SER A 609 9.37 -27.09 12.72
CA SER A 609 8.11 -27.81 12.92
C SER A 609 7.48 -27.45 14.28
N LYS A 610 6.21 -27.81 14.45
CA LYS A 610 5.49 -27.56 15.72
C LYS A 610 6.22 -28.18 16.92
N GLN A 611 6.77 -29.38 16.67
CA GLN A 611 7.53 -30.19 17.66
C GLN A 611 8.95 -29.71 18.00
N ALA A 612 9.54 -28.87 17.16
CA ALA A 612 10.96 -28.47 17.34
C ALA A 612 11.27 -27.89 18.73
N GLU A 613 12.51 -28.07 19.15
CA GLU A 613 13.02 -27.67 20.47
C GLU A 613 14.01 -26.50 20.38
N VAL A 614 13.89 -25.58 21.33
CA VAL A 614 14.86 -24.50 21.52
C VAL A 614 15.93 -25.02 22.46
N SER A 615 17.18 -24.88 22.05
CA SER A 615 18.32 -25.13 22.93
C SER A 615 19.10 -23.82 23.03
N SER A 616 20.13 -23.81 23.86
CA SER A 616 20.91 -22.60 24.00
C SER A 616 22.23 -22.74 23.24
N ILE A 617 22.96 -21.63 23.12
CA ILE A 617 24.34 -21.68 22.70
C ILE A 617 25.18 -22.18 23.90
N PRO A 618 25.81 -23.36 23.75
CA PRO A 618 26.73 -23.89 24.78
C PRO A 618 27.88 -22.92 25.05
N GLU A 619 28.46 -23.00 26.25
CA GLU A 619 29.51 -22.08 26.71
C GLU A 619 30.75 -22.11 25.83
N HIS A 620 31.20 -23.31 25.46
CA HIS A 620 32.42 -23.43 24.68
C HIS A 620 32.25 -22.93 23.24
N LEU A 621 31.03 -22.52 22.88
CA LEU A 621 30.74 -21.97 21.55
C LEU A 621 30.27 -20.50 21.55
N THR A 622 30.35 -19.79 22.68
CA THR A 622 29.73 -18.44 22.72
C THR A 622 30.27 -17.53 21.62
N ASN A 623 31.59 -17.51 21.44
CA ASN A 623 32.19 -16.60 20.45
C ASN A 623 32.77 -17.36 19.27
N CYS A 624 32.22 -18.53 19.05
CA CYS A 624 32.71 -19.38 17.96
C CYS A 624 32.31 -18.81 16.58
N VAL A 625 33.28 -18.56 15.71
CA VAL A 625 32.97 -18.34 14.30
C VAL A 625 33.88 -19.25 13.49
N ARG A 626 33.31 -20.08 12.60
CA ARG A 626 34.07 -21.09 11.87
C ARG A 626 34.19 -20.71 10.40
N PRO A 627 35.42 -20.82 9.81
CA PRO A 627 35.56 -20.71 8.35
C PRO A 627 34.67 -21.71 7.60
N ASP A 628 34.11 -21.28 6.46
CA ASP A 628 33.36 -22.14 5.59
C ASP A 628 34.28 -22.60 4.43
N VAL A 629 34.68 -23.86 4.44
CA VAL A 629 35.64 -24.42 3.45
C VAL A 629 35.09 -24.55 2.02
N ARG A 630 33.81 -24.18 1.83
CA ARG A 630 33.25 -24.05 0.49
C ARG A 630 33.46 -22.64 -0.14
N VAL A 631 33.87 -21.67 0.66
CA VAL A 631 33.86 -20.29 0.23
C VAL A 631 35.22 -19.63 0.50
N SER A 632 35.80 -18.97 -0.48
CA SER A 632 37.18 -18.49 -0.34
CA SER A 632 37.18 -18.45 -0.37
C SER A 632 37.35 -17.49 0.82
N PRO A 633 38.55 -17.49 1.48
CA PRO A 633 38.83 -16.47 2.51
C PRO A 633 38.52 -15.05 1.99
N GLY A 634 38.82 -14.83 0.70
CA GLY A 634 38.61 -13.55 0.06
C GLY A 634 37.16 -13.17 -0.17
N PHE A 635 36.23 -14.13 -0.11
CA PHE A 635 34.82 -13.81 -0.18
C PHE A 635 34.11 -14.01 1.16
N SER A 636 34.88 -13.95 2.24
CA SER A 636 34.34 -14.16 3.58
C SER A 636 34.42 -12.91 4.39
N GLN A 637 33.55 -12.83 5.39
CA GLN A 637 33.70 -11.83 6.41
C GLN A 637 34.92 -12.20 7.30
N ASN A 638 35.34 -11.31 8.20
CA ASN A 638 36.41 -11.65 9.14
C ASN A 638 36.13 -11.06 10.52
N CYS A 639 36.55 -11.79 11.55
CA CYS A 639 36.19 -11.47 12.92
C CYS A 639 36.93 -10.29 13.43
N LEU A 640 38.10 -10.05 12.88
CA LEU A 640 38.93 -8.95 13.30
C LEU A 640 38.25 -7.61 13.12
N ALA A 641 37.58 -7.46 11.98
CA ALA A 641 36.83 -6.24 11.70
C ALA A 641 35.80 -5.94 12.79
N TYR A 642 35.11 -6.98 13.28
CA TYR A 642 34.08 -6.80 14.33
C TYR A 642 34.68 -6.44 15.69
N LYS A 643 35.88 -6.95 15.91
CA LYS A 643 36.64 -6.67 17.10
C LYS A 643 37.08 -5.21 17.03
N ASN A 644 37.62 -4.79 15.89
CA ASN A 644 38.00 -3.40 15.71
C ASN A 644 36.84 -2.40 15.67
N ASP A 645 35.66 -2.82 15.21
CA ASP A 645 34.52 -1.90 15.14
C ASP A 645 33.81 -1.87 16.50
N LYS A 646 34.05 -0.78 17.22
CA LYS A 646 33.48 -0.62 18.55
C LYS A 646 31.97 -0.43 18.55
N GLN A 647 31.39 -0.04 17.40
CA GLN A 647 29.93 0.17 17.32
C GLN A 647 29.18 -1.10 16.87
N MET A 648 29.89 -1.96 16.12
CA MET A 648 29.23 -3.02 15.39
C MET A 648 29.48 -4.40 15.99
N SER A 649 28.44 -5.20 16.18
CA SER A 649 28.64 -6.59 16.58
C SER A 649 28.14 -7.47 15.42
N TYR A 650 27.82 -8.74 15.65
CA TYR A 650 27.33 -9.61 14.60
C TYR A 650 26.26 -10.54 15.12
N GLY A 651 25.39 -10.98 14.22
CA GLY A 651 24.37 -11.98 14.52
C GLY A 651 24.39 -13.04 13.43
N PHE A 652 23.41 -13.94 13.49
CA PHE A 652 23.32 -15.09 12.59
C PHE A 652 21.96 -15.10 11.98
N LEU A 653 21.90 -15.49 10.70
CA LEU A 653 20.62 -15.53 10.02
C LEU A 653 19.83 -16.79 10.36
N PHE A 654 20.45 -17.95 10.26
CA PHE A 654 19.83 -19.13 10.89
C PHE A 654 20.24 -19.13 12.36
N PRO A 655 19.27 -19.11 13.29
CA PRO A 655 19.61 -19.04 14.71
C PRO A 655 20.18 -20.38 15.24
N PRO A 656 21.37 -20.35 15.86
CA PRO A 656 21.89 -21.52 16.58
C PRO A 656 20.90 -22.13 17.60
N TYR A 657 20.02 -21.29 18.18
CA TYR A 657 19.06 -21.77 19.18
C TYR A 657 18.17 -22.87 18.65
N LEU A 658 17.94 -22.89 17.33
CA LEU A 658 16.95 -23.80 16.73
C LEU A 658 17.60 -24.98 15.98
N SER A 659 18.88 -25.20 16.22
CA SER A 659 19.57 -26.33 15.61
C SER A 659 18.93 -27.67 16.01
N SER A 660 18.90 -28.62 15.08
CA SER A 660 18.20 -29.90 15.29
C SER A 660 18.96 -30.91 16.17
N SER A 661 20.23 -30.65 16.41
CA SER A 661 21.12 -31.58 17.14
C SER A 661 22.41 -30.83 17.50
N PRO A 662 23.12 -31.26 18.58
CA PRO A 662 24.35 -30.59 18.95
C PRO A 662 25.34 -30.55 17.81
N GLU A 663 25.40 -31.58 16.98
CA GLU A 663 26.35 -31.55 15.87
C GLU A 663 25.95 -30.59 14.74
N ALA A 664 24.67 -30.54 14.41
CA ALA A 664 24.20 -29.60 13.38
C ALA A 664 24.43 -28.17 13.87
N LYS A 665 24.41 -27.96 15.19
CA LYS A 665 24.64 -26.62 15.71
C LYS A 665 25.93 -25.94 15.24
N TYR A 666 27.00 -26.71 14.97
CA TYR A 666 28.23 -26.15 14.41
C TYR A 666 28.03 -25.41 13.10
N ASP A 667 27.10 -25.88 12.27
CA ASP A 667 26.80 -25.23 10.98
C ASP A 667 26.33 -23.80 11.20
N ALA A 668 25.66 -23.56 12.32
CA ALA A 668 25.07 -22.24 12.58
C ALA A 668 26.14 -21.21 12.90
N PHE A 669 27.34 -21.66 13.24
CA PHE A 669 28.45 -20.74 13.55
C PHE A 669 29.38 -20.46 12.36
N LEU A 670 29.01 -20.93 11.17
CA LEU A 670 29.78 -20.65 9.99
C LEU A 670 29.84 -19.17 9.69
N VAL A 671 30.97 -18.75 9.16
CA VAL A 671 31.21 -17.35 8.85
C VAL A 671 30.27 -16.92 7.74
N THR A 672 29.76 -17.89 7.00
CA THR A 672 28.83 -17.60 5.91
C THR A 672 27.40 -17.40 6.38
N ASN A 673 27.12 -17.64 7.67
CA ASN A 673 25.81 -17.45 8.27
C ASN A 673 25.80 -16.15 9.14
N MET A 674 26.93 -15.44 9.23
CA MET A 674 27.10 -14.24 10.08
CA MET A 674 26.99 -14.25 10.08
C MET A 674 26.65 -12.94 9.35
N VAL A 675 26.08 -11.98 10.09
CA VAL A 675 25.72 -10.69 9.50
C VAL A 675 26.02 -9.59 10.51
N PRO A 676 26.26 -8.35 10.01
CA PRO A 676 26.61 -7.25 10.92
C PRO A 676 25.37 -6.80 11.66
N MET A 677 25.47 -6.70 12.97
CA MET A 677 24.36 -6.19 13.78
C MET A 677 24.86 -5.30 14.92
N TYR A 678 24.23 -4.14 15.06
CA TYR A 678 24.46 -3.28 16.22
C TYR A 678 23.99 -4.03 17.48
N PRO A 679 24.68 -3.82 18.62
CA PRO A 679 24.23 -4.49 19.87
C PRO A 679 22.76 -4.18 20.21
N ALA A 680 22.31 -2.94 20.00
CA ALA A 680 20.93 -2.62 20.27
C ALA A 680 19.98 -3.45 19.41
N PHE A 681 20.31 -3.64 18.13
CA PHE A 681 19.47 -4.45 17.26
C PHE A 681 19.50 -5.92 17.64
N LYS A 682 20.64 -6.41 18.14
CA LYS A 682 20.74 -7.80 18.59
C LYS A 682 19.73 -8.14 19.66
N ARG A 683 19.39 -7.17 20.50
CA ARG A 683 18.34 -7.43 21.52
C ARG A 683 17.02 -7.82 20.86
N VAL A 684 16.69 -7.11 19.76
CA VAL A 684 15.49 -7.37 18.95
C VAL A 684 15.55 -8.73 18.27
N TRP A 685 16.66 -8.95 17.57
CA TRP A 685 16.86 -10.10 16.68
C TRP A 685 16.89 -11.39 17.50
N ALA A 686 17.62 -11.34 18.61
CA ALA A 686 17.76 -12.49 19.51
C ALA A 686 16.42 -12.94 20.11
N TYR A 687 15.57 -11.97 20.44
CA TYR A 687 14.24 -12.31 20.94
C TYR A 687 13.34 -12.89 19.84
N PHE A 688 13.46 -12.36 18.64
CA PHE A 688 12.72 -12.90 17.52
C PHE A 688 13.12 -14.36 17.30
N GLN A 689 14.43 -14.61 17.27
CA GLN A 689 14.91 -15.95 16.94
C GLN A 689 14.74 -16.97 18.10
N ARG A 690 15.04 -16.56 19.34
CA ARG A 690 14.96 -17.45 20.52
C ARG A 690 13.53 -17.75 20.97
N VAL A 691 12.67 -16.71 20.97
CA VAL A 691 11.29 -16.82 21.48
C VAL A 691 10.20 -16.83 20.40
N LEU A 692 10.19 -15.85 19.50
CA LEU A 692 9.06 -15.72 18.57
C LEU A 692 8.92 -16.80 17.52
N VAL A 693 10.03 -17.20 16.89
CA VAL A 693 9.93 -18.24 15.85
C VAL A 693 9.24 -19.51 16.45
N LYS A 694 9.70 -19.98 17.61
CA LYS A 694 9.09 -21.15 18.20
CA LYS A 694 9.09 -21.14 18.26
C LYS A 694 7.61 -20.89 18.53
N LYS A 695 7.29 -19.70 19.05
CA LYS A 695 5.89 -19.35 19.30
C LYS A 695 5.07 -19.45 18.04
N TYR A 696 5.59 -18.93 16.93
CA TYR A 696 4.83 -18.96 15.69
C TYR A 696 4.68 -20.40 15.21
N ALA A 697 5.73 -21.21 15.36
CA ALA A 697 5.64 -22.60 14.92
C ALA A 697 4.56 -23.36 15.72
N SER A 698 4.49 -23.14 17.04
CA SER A 698 3.46 -23.73 17.91
CA SER A 698 3.46 -23.74 17.90
C SER A 698 2.05 -23.31 17.49
N GLU A 699 1.81 -22.01 17.34
CA GLU A 699 0.52 -21.46 16.91
C GLU A 699 0.16 -21.74 15.46
N ARG A 700 1.13 -21.92 14.57
CA ARG A 700 0.77 -22.04 13.13
C ARG A 700 0.94 -23.45 12.58
N ASN A 701 1.43 -24.35 13.43
CA ASN A 701 1.70 -25.75 13.06
C ASN A 701 2.91 -25.90 12.09
N GLY A 702 4.05 -25.42 12.57
CA GLY A 702 5.26 -25.35 11.75
C GLY A 702 5.27 -24.01 11.02
N VAL A 703 6.46 -23.46 10.82
CA VAL A 703 6.63 -22.33 9.90
C VAL A 703 7.87 -22.55 9.08
N ASN A 704 7.83 -22.10 7.84
CA ASN A 704 9.02 -21.91 7.05
C ASN A 704 9.45 -20.43 7.18
N VAL A 705 10.72 -20.21 7.50
CA VAL A 705 11.29 -18.87 7.61
C VAL A 705 12.35 -18.59 6.54
N ILE A 706 12.23 -17.44 5.87
CA ILE A 706 13.31 -16.92 5.01
C ILE A 706 13.70 -15.56 5.55
N SER A 707 14.98 -15.43 5.95
CA SER A 707 15.49 -14.19 6.52
C SER A 707 16.65 -13.66 5.68
N GLY A 708 16.91 -12.36 5.78
CA GLY A 708 18.11 -11.82 5.15
C GLY A 708 18.25 -10.33 5.37
N PRO A 709 19.29 -9.73 4.76
CA PRO A 709 19.60 -8.32 4.92
C PRO A 709 18.93 -7.54 3.80
N ILE A 710 18.71 -6.25 4.02
CA ILE A 710 18.24 -5.32 3.00
C ILE A 710 19.16 -4.09 3.04
N PHE A 711 19.50 -3.57 1.87
CA PHE A 711 20.32 -2.34 1.80
C PHE A 711 19.53 -1.33 1.01
N ASP A 712 19.00 -0.32 1.71
CA ASP A 712 18.27 0.77 1.03
C ASP A 712 18.76 2.13 1.57
N TYR A 713 20.04 2.41 1.34
CA TYR A 713 20.61 3.69 1.72
C TYR A 713 19.97 4.95 1.09
N ASN A 714 19.43 4.86 -0.12
CA ASN A 714 18.81 6.05 -0.71
C ASN A 714 17.26 6.01 -0.54
N TYR A 715 16.76 5.20 0.42
CA TYR A 715 15.35 5.09 0.78
C TYR A 715 14.36 5.16 -0.41
N ASP A 716 14.67 4.49 -1.51
CA ASP A 716 13.74 4.50 -2.66
C ASP A 716 12.89 3.21 -2.70
N GLY A 717 13.10 2.33 -1.72
CA GLY A 717 12.29 1.11 -1.64
C GLY A 717 12.80 0.05 -2.58
N LEU A 718 13.98 0.28 -3.20
CA LEU A 718 14.55 -0.61 -4.16
C LEU A 718 15.94 -1.03 -3.72
N ARG A 719 16.30 -2.26 -4.06
CA ARG A 719 17.61 -2.84 -3.73
C ARG A 719 18.76 -1.87 -4.11
N ASP A 720 19.69 -1.59 -3.21
CA ASP A 720 20.92 -0.86 -3.60
C ASP A 720 21.93 -1.71 -4.37
N THR A 721 22.62 -1.11 -5.33
CA THR A 721 23.83 -1.71 -5.88
C THR A 721 25.00 -1.50 -4.87
N GLU A 722 26.08 -2.27 -4.99
CA GLU A 722 27.21 -2.12 -4.07
C GLU A 722 27.74 -0.69 -3.95
N ASP A 723 27.73 0.06 -5.06
CA ASP A 723 28.26 1.44 -5.01
C ASP A 723 27.32 2.46 -4.35
N GLU A 724 26.19 2.01 -3.79
CA GLU A 724 25.27 2.90 -3.06
C GLU A 724 25.40 2.76 -1.55
N ILE A 725 26.23 1.83 -1.11
CA ILE A 725 26.31 1.49 0.31
C ILE A 725 27.08 2.56 1.06
N LYS A 726 26.47 3.14 2.09
CA LYS A 726 27.09 4.26 2.82
C LYS A 726 27.86 3.88 4.07
N GLN A 727 27.80 2.61 4.45
CA GLN A 727 28.41 2.19 5.70
C GLN A 727 28.95 0.75 5.66
N TYR A 728 30.18 0.59 6.15
CA TYR A 728 30.86 -0.71 6.13
C TYR A 728 31.30 -0.99 7.55
N VAL A 729 31.54 -2.25 7.87
CA VAL A 729 32.11 -2.58 9.13
C VAL A 729 33.56 -2.05 9.09
N GLU A 730 33.91 -1.30 10.14
CA GLU A 730 35.17 -0.56 10.21
C GLU A 730 36.34 -1.35 9.67
N GLY A 731 36.94 -0.80 8.62
CA GLY A 731 38.17 -1.31 8.05
C GLY A 731 38.01 -2.52 7.16
N SER A 732 36.81 -2.73 6.63
CA SER A 732 36.50 -3.93 5.86
C SER A 732 35.62 -3.55 4.71
N SER A 733 35.36 -4.53 3.87
CA SER A 733 34.40 -4.33 2.78
C SER A 733 33.07 -5.00 3.11
N ILE A 734 32.81 -5.25 4.39
CA ILE A 734 31.54 -5.87 4.83
C ILE A 734 30.51 -4.72 4.92
N PRO A 735 29.49 -4.69 4.00
CA PRO A 735 28.50 -3.62 4.00
C PRO A 735 27.47 -3.80 5.12
N VAL A 736 26.93 -2.70 5.66
CA VAL A 736 26.02 -2.76 6.80
C VAL A 736 24.59 -2.65 6.27
N PRO A 737 23.73 -3.65 6.56
CA PRO A 737 22.34 -3.53 6.12
C PRO A 737 21.60 -2.37 6.80
N THR A 738 20.63 -1.80 6.11
CA THR A 738 19.77 -0.79 6.72
C THR A 738 18.60 -1.50 7.41
N HIS A 739 18.25 -2.70 6.95
CA HIS A 739 17.12 -3.46 7.50
C HIS A 739 17.42 -4.94 7.45
N TYR A 740 16.68 -5.70 8.26
CA TYR A 740 16.64 -7.15 8.16
C TYR A 740 15.21 -7.58 7.98
N TYR A 741 14.99 -8.50 7.04
CA TYR A 741 13.62 -9.04 6.76
C TYR A 741 13.41 -10.48 7.25
N SER A 742 12.17 -10.88 7.45
CA SER A 742 11.85 -12.30 7.54
C SER A 742 10.49 -12.53 6.93
N ILE A 743 10.37 -13.62 6.16
CA ILE A 743 9.13 -14.07 5.57
C ILE A 743 8.75 -15.39 6.26
N ILE A 744 7.59 -15.42 6.90
CA ILE A 744 7.19 -16.57 7.71
C ILE A 744 5.93 -17.20 7.12
N THR A 745 6.09 -18.39 6.57
CA THR A 745 5.06 -19.01 5.75
C THR A 745 4.61 -20.31 6.46
N SER A 746 3.30 -20.58 6.38
CA SER A 746 2.73 -21.84 6.84
C SER A 746 1.48 -22.17 6.01
N CYS A 747 0.83 -23.27 6.38
CA CYS A 747 -0.41 -23.70 5.76
C CYS A 747 -1.61 -22.88 6.23
N LEU A 748 -2.42 -22.39 5.29
CA LEU A 748 -3.63 -21.64 5.69
C LEU A 748 -4.56 -22.58 6.50
N ASP A 749 -4.67 -23.82 6.07
CA ASP A 749 -5.35 -24.84 6.90
C ASP A 749 -4.32 -25.37 7.90
N PHE A 750 -4.33 -24.79 9.09
CA PHE A 750 -3.32 -25.03 10.11
C PHE A 750 -3.44 -26.40 10.78
N THR A 751 -4.38 -27.24 10.33
CA THR A 751 -4.42 -28.64 10.75
C THR A 751 -3.40 -29.42 9.96
N GLN A 752 -2.87 -28.83 8.87
CA GLN A 752 -1.74 -29.46 8.15
C GLN A 752 -0.42 -28.79 8.52
N PRO A 753 0.62 -29.61 8.77
CA PRO A 753 1.90 -28.99 9.15
C PRO A 753 2.48 -28.19 7.97
N ALA A 754 3.31 -27.19 8.27
CA ALA A 754 3.85 -26.32 7.23
C ALA A 754 4.53 -27.12 6.11
N ASP A 755 5.32 -28.12 6.47
CA ASP A 755 6.03 -28.94 5.45
C ASP A 755 5.18 -29.99 4.71
N LYS A 756 3.91 -30.12 5.06
CA LYS A 756 3.03 -31.05 4.33
C LYS A 756 1.68 -30.42 4.02
N CYS A 757 1.71 -29.29 3.32
CA CYS A 757 0.51 -28.46 3.13
C CYS A 757 -0.09 -28.72 1.75
N ASP A 758 -1.38 -29.02 1.67
CA ASP A 758 -1.98 -29.37 0.38
C ASP A 758 -2.46 -28.16 -0.41
N GLY A 759 -2.95 -27.15 0.29
CA GLY A 759 -3.65 -26.05 -0.35
C GLY A 759 -3.01 -24.70 -0.14
N PRO A 760 -3.85 -23.64 0.01
CA PRO A 760 -3.40 -22.26 0.16
C PRO A 760 -2.43 -22.02 1.32
N LEU A 761 -1.52 -21.04 1.13
CA LEU A 761 -0.51 -20.72 2.13
C LEU A 761 -0.99 -19.57 3.00
N SER A 762 -0.35 -19.40 4.14
CA SER A 762 -0.52 -18.23 5.02
C SER A 762 0.84 -17.54 5.24
N VAL A 763 0.89 -16.20 5.23
CA VAL A 763 2.21 -15.52 5.36
C VAL A 763 2.13 -14.30 6.25
N SER A 764 3.17 -14.07 7.03
CA SER A 764 3.40 -12.74 7.57
C SER A 764 4.90 -12.43 7.48
N SER A 765 5.21 -11.15 7.31
CA SER A 765 6.60 -10.74 7.07
C SER A 765 6.87 -9.46 7.79
N PHE A 766 8.16 -9.15 7.93
CA PHE A 766 8.53 -7.87 8.44
C PHE A 766 9.85 -7.37 7.81
N ILE A 767 10.05 -6.06 7.90
CA ILE A 767 11.27 -5.40 7.48
C ILE A 767 11.68 -4.53 8.66
N LEU A 768 12.56 -5.05 9.50
CA LEU A 768 12.98 -4.33 10.72
C LEU A 768 14.14 -3.39 10.38
N PRO A 769 14.06 -2.12 10.81
CA PRO A 769 15.19 -1.20 10.61
C PRO A 769 16.38 -1.61 11.48
N HIS A 770 17.57 -1.63 10.88
CA HIS A 770 18.79 -2.02 11.59
C HIS A 770 19.38 -0.77 12.27
N ARG A 771 18.95 -0.49 13.48
CA ARG A 771 19.33 0.80 14.09
C ARG A 771 20.28 0.64 15.30
N PRO A 772 21.23 1.58 15.45
CA PRO A 772 22.18 1.44 16.54
C PRO A 772 21.57 1.77 17.89
N ASP A 773 20.33 2.25 17.95
CA ASP A 773 19.70 2.44 19.24
C ASP A 773 18.26 1.94 19.17
N ASN A 774 17.62 1.76 20.33
CA ASN A 774 16.21 1.54 20.37
C ASN A 774 15.36 2.75 20.73
N ASP A 775 15.75 3.93 20.26
CA ASP A 775 14.95 5.11 20.57
C ASP A 775 13.49 5.04 20.10
N GLU A 776 13.25 4.36 18.98
CA GLU A 776 11.89 4.12 18.50
C GLU A 776 10.97 3.45 19.53
N SER A 777 11.52 2.58 20.35
CA SER A 777 10.70 1.88 21.32
C SER A 777 10.86 2.54 22.71
N CYS A 778 9.85 3.30 23.13
CA CYS A 778 9.93 4.06 24.37
C CYS A 778 10.09 3.19 25.60
N ASN A 779 9.64 1.94 25.53
CA ASN A 779 9.72 1.00 26.65
CA ASN A 779 9.75 1.03 26.66
C ASN A 779 10.88 0.01 26.55
N SER A 780 11.89 0.31 25.72
CA SER A 780 13.02 -0.62 25.49
C SER A 780 13.98 -0.93 26.65
N SER A 781 13.94 -0.14 27.72
CA SER A 781 14.74 -0.43 28.89
CA SER A 781 14.73 -0.43 28.91
C SER A 781 14.18 -1.68 29.59
N GLU A 782 12.92 -2.02 29.29
CA GLU A 782 12.28 -3.18 29.88
C GLU A 782 12.67 -4.47 29.15
N ASP A 783 12.19 -5.61 29.66
CA ASP A 783 12.43 -6.90 29.03
C ASP A 783 11.81 -6.92 27.63
N GLU A 784 12.53 -7.54 26.68
CA GLU A 784 12.13 -7.61 25.26
C GLU A 784 10.67 -8.09 25.06
N SER A 785 10.21 -8.96 25.98
CA SER A 785 8.81 -9.46 25.96
C SER A 785 7.77 -8.36 26.08
N LYS A 786 8.20 -7.16 26.46
CA LYS A 786 7.30 -5.99 26.57
C LYS A 786 7.38 -4.98 25.40
N TRP A 787 8.28 -5.19 24.44
CA TRP A 787 8.40 -4.20 23.37
C TRP A 787 8.78 -4.74 22.01
N VAL A 788 9.42 -5.89 21.96
CA VAL A 788 9.98 -6.36 20.70
C VAL A 788 8.92 -6.68 19.69
N GLU A 789 7.98 -7.52 20.08
CA GLU A 789 6.90 -7.88 19.20
C GLU A 789 6.08 -6.67 18.74
N GLU A 790 5.85 -5.70 19.62
CA GLU A 790 5.20 -4.45 19.23
C GLU A 790 5.99 -3.72 18.11
N LEU A 791 7.31 -3.67 18.24
CA LEU A 791 8.14 -3.09 17.19
C LEU A 791 7.99 -3.86 15.86
N MET A 792 7.98 -5.18 15.96
CA MET A 792 7.89 -6.01 14.76
C MET A 792 6.58 -5.79 14.03
N LYS A 793 5.49 -5.72 14.80
CA LYS A 793 4.18 -5.43 14.23
C LYS A 793 4.10 -4.13 13.48
N MET A 794 4.75 -3.08 14.03
CA MET A 794 4.81 -1.78 13.40
CA MET A 794 4.77 -1.79 13.38
C MET A 794 5.50 -1.83 12.04
N HIS A 795 6.48 -2.73 11.93
CA HIS A 795 7.26 -2.93 10.72
C HIS A 795 6.89 -4.18 9.89
N THR A 796 5.62 -4.57 10.03
CA THR A 796 5.03 -5.59 9.19
C THR A 796 5.15 -5.18 7.72
N ALA A 797 5.23 -6.18 6.84
CA ALA A 797 5.49 -5.91 5.46
C ALA A 797 4.80 -6.92 4.50
N ARG A 798 4.67 -6.58 3.22
CA ARG A 798 4.25 -7.52 2.21
C ARG A 798 5.46 -8.19 1.68
N VAL A 799 5.34 -9.47 1.31
CA VAL A 799 6.45 -10.13 0.58
C VAL A 799 6.91 -9.27 -0.62
N ARG A 800 5.97 -8.61 -1.29
CA ARG A 800 6.32 -7.83 -2.49
C ARG A 800 7.26 -6.64 -2.14
N ASP A 801 7.12 -6.13 -0.90
CA ASP A 801 7.94 -5.01 -0.44
C ASP A 801 9.35 -5.55 -0.33
N ILE A 802 9.48 -6.75 0.22
CA ILE A 802 10.79 -7.36 0.36
C ILE A 802 11.39 -7.66 -1.02
N GLU A 803 10.55 -8.03 -1.99
CA GLU A 803 11.07 -8.32 -3.34
C GLU A 803 11.71 -7.09 -3.97
N HIS A 804 11.04 -5.95 -3.88
CA HIS A 804 11.58 -4.70 -4.41
C HIS A 804 12.92 -4.38 -3.76
N LEU A 805 13.04 -4.65 -2.46
CA LEU A 805 14.16 -4.24 -1.67
C LEU A 805 15.35 -5.18 -1.82
N THR A 806 15.14 -6.37 -2.38
CA THR A 806 16.21 -7.39 -2.48
C THR A 806 16.50 -7.82 -3.91
N GLY A 807 15.58 -7.59 -4.83
CA GLY A 807 15.73 -8.07 -6.21
C GLY A 807 15.57 -9.56 -6.32
N LEU A 808 14.85 -10.11 -5.35
CA LEU A 808 14.58 -11.57 -5.28
C LEU A 808 13.11 -11.86 -5.59
N ASP A 809 12.81 -13.05 -6.05
CA ASP A 809 11.45 -13.41 -6.37
C ASP A 809 11.16 -14.72 -5.68
N PHE A 810 10.18 -14.70 -4.79
CA PHE A 810 9.91 -15.84 -3.88
C PHE A 810 8.78 -16.72 -4.41
N TYR A 811 8.54 -17.84 -3.73
CA TYR A 811 7.48 -18.79 -4.06
C TYR A 811 7.46 -19.24 -5.52
N ARG A 812 8.64 -19.55 -6.07
CA ARG A 812 8.72 -19.93 -7.48
C ARG A 812 8.17 -21.32 -7.74
N LYS A 813 8.19 -22.21 -6.75
CA LYS A 813 7.81 -23.64 -6.98
C LYS A 813 6.80 -24.05 -5.96
N THR A 814 5.54 -23.87 -6.28
CA THR A 814 4.46 -24.26 -5.36
C THR A 814 3.47 -25.04 -6.17
N SER A 815 2.45 -25.56 -5.52
CA SER A 815 1.38 -26.16 -6.32
C SER A 815 0.21 -25.22 -6.51
N ARG A 816 0.42 -23.91 -6.30
CA ARG A 816 -0.70 -22.94 -6.39
C ARG A 816 -0.63 -22.15 -7.70
N SER A 817 -1.75 -21.59 -8.17
CA SER A 817 -1.74 -20.80 -9.40
C SER A 817 -0.93 -19.49 -9.15
N TYR A 818 -0.36 -18.94 -10.21
CA TYR A 818 0.52 -17.80 -10.08
C TYR A 818 -0.25 -16.58 -9.57
N SER A 819 -1.48 -16.36 -10.05
CA SER A 819 -2.29 -15.24 -9.56
CA SER A 819 -2.25 -15.21 -9.56
C SER A 819 -2.58 -15.35 -8.08
N GLU A 820 -2.76 -16.57 -7.61
CA GLU A 820 -2.96 -16.76 -6.18
C GLU A 820 -1.72 -16.41 -5.34
N ILE A 821 -0.57 -16.74 -5.90
CA ILE A 821 0.72 -16.47 -5.24
C ILE A 821 0.90 -14.94 -5.30
N LEU A 822 0.56 -14.31 -6.42
CA LEU A 822 0.64 -12.84 -6.46
C LEU A 822 -0.18 -12.16 -5.35
N THR A 823 -1.39 -12.65 -5.14
CA THR A 823 -2.26 -12.17 -4.07
C THR A 823 -1.58 -12.41 -2.72
N LEU A 824 -0.96 -13.57 -2.54
CA LEU A 824 -0.24 -13.88 -1.29
C LEU A 824 0.93 -12.89 -1.07
N LYS A 825 1.65 -12.58 -2.15
CA LYS A 825 2.80 -11.68 -2.03
C LYS A 825 2.35 -10.23 -1.73
N THR A 826 1.10 -9.87 -2.03
CA THR A 826 0.65 -8.51 -1.70
C THR A 826 -0.05 -8.43 -0.36
N TYR A 827 -0.27 -9.57 0.29
CA TYR A 827 -0.89 -9.63 1.63
C TYR A 827 -0.08 -8.87 2.70
N LEU A 828 -0.78 -8.15 3.57
CA LEU A 828 -0.12 -7.45 4.65
C LEU A 828 -0.85 -7.88 5.93
N HIS A 829 -0.13 -8.49 6.83
CA HIS A 829 -0.69 -8.78 8.13
C HIS A 829 -0.66 -7.50 8.96
N THR A 830 -1.82 -6.94 9.31
N THR A 830 -1.81 -6.86 9.14
CA THR A 830 -1.90 -5.60 9.94
CA THR A 830 -1.91 -5.78 10.08
C THR A 830 -1.87 -5.54 11.47
C THR A 830 -2.42 -6.49 11.31
N TYR A 831 -2.22 -6.64 12.13
N TYR A 831 -1.96 -6.07 12.46
CA TYR A 831 -2.27 -6.69 13.60
CA TYR A 831 -2.33 -6.75 13.69
C TYR A 831 -3.23 -5.61 14.17
C TYR A 831 -3.57 -6.08 14.29
N GLU A 832 -4.34 -5.38 13.46
CA GLU A 832 -5.47 -4.58 13.94
C GLU A 832 -6.55 -5.60 14.32
N SER A 833 -7.47 -5.28 15.22
CA SER A 833 -8.60 -6.21 15.42
C SER A 833 -9.57 -6.13 14.21
N GLU A 834 -10.67 -6.88 14.24
CA GLU A 834 -11.59 -6.95 13.09
C GLU A 834 -12.27 -5.60 12.82
C1 NAG B . 6.59 2.51 -8.03
C2 NAG B . 8.03 2.07 -7.75
C3 NAG B . 8.96 3.09 -8.41
C4 NAG B . 8.66 3.30 -9.88
C5 NAG B . 7.15 3.51 -10.12
C6 NAG B . 6.85 3.55 -11.62
C7 NAG B . 8.62 0.84 -5.71
C8 NAG B . 8.86 0.83 -4.23
N2 NAG B . 8.28 2.00 -6.31
O3 NAG B . 10.31 2.70 -8.26
O4 NAG B . 9.23 4.55 -10.21
O5 NAG B . 6.37 2.51 -9.48
O6 NAG B . 7.35 2.32 -12.15
O7 NAG B . 8.70 -0.23 -6.33
C1 NAG B . 10.14 4.52 -11.30
C2 NAG B . 10.23 5.98 -11.80
C3 NAG B . 11.24 5.99 -12.94
C4 NAG B . 12.62 5.48 -12.46
C5 NAG B . 12.53 4.13 -11.72
C6 NAG B . 13.84 3.94 -10.90
C7 NAG B . 8.07 7.16 -11.59
C8 NAG B . 6.78 7.57 -12.26
N2 NAG B . 8.94 6.46 -12.31
O3 NAG B . 11.33 7.32 -13.42
O4 NAG B . 13.54 5.37 -13.54
O5 NAG B . 11.40 4.03 -10.85
O6 NAG B . 13.94 4.90 -9.85
O7 NAG B . 8.31 7.47 -10.42
C1 BMA B . 14.32 6.60 -13.69
C2 BMA B . 15.78 6.26 -14.04
C3 BMA B . 16.63 7.47 -14.47
C4 BMA B . 15.87 8.37 -15.44
C5 BMA B . 14.46 8.67 -14.93
C6 BMA B . 13.65 9.45 -15.95
O2 BMA B . 15.73 5.25 -15.04
O3 BMA B . 17.85 7.06 -15.10
O4 BMA B . 16.53 9.61 -15.61
O5 BMA B . 13.76 7.46 -14.66
O6 BMA B . 12.54 9.88 -15.21
C1 MAN B . 11.62 10.71 -15.94
C2 MAN B . 10.79 11.50 -14.90
C3 MAN B . 9.70 10.62 -14.25
C4 MAN B . 8.87 9.94 -15.36
C5 MAN B . 9.80 9.14 -16.31
C6 MAN B . 9.06 8.35 -17.39
O2 MAN B . 10.20 12.64 -15.50
O3 MAN B . 8.86 11.35 -13.37
O4 MAN B . 7.85 9.12 -14.83
O5 MAN B . 10.77 10.02 -16.87
O6 MAN B . 8.20 9.15 -18.18
C1 MAN B . 9.43 11.57 -12.06
C2 MAN B . 8.38 11.41 -10.96
C3 MAN B . 7.31 12.50 -11.14
C4 MAN B . 7.94 13.90 -11.08
C5 MAN B . 9.31 14.00 -11.80
C6 MAN B . 10.12 15.07 -11.10
O2 MAN B . 9.01 11.62 -9.70
O3 MAN B . 6.33 12.44 -10.11
O4 MAN B . 7.05 14.87 -11.57
O5 MAN B . 10.11 12.81 -11.87
O6 MAN B . 11.23 15.33 -11.93
C1 MAN B . 9.40 10.42 -9.00
C2 MAN B . 9.64 10.82 -7.53
C3 MAN B . 11.03 11.46 -7.38
C4 MAN B . 12.17 10.68 -8.08
C5 MAN B . 11.81 10.31 -9.53
C6 MAN B . 12.87 9.38 -10.15
O2 MAN B . 9.53 9.71 -6.67
O3 MAN B . 11.28 11.58 -5.99
O4 MAN B . 13.35 11.45 -8.08
O5 MAN B . 10.50 9.72 -9.59
O6 MAN B . 12.79 9.35 -11.57
C1 MAN B . 19.06 7.23 -14.28
C2 MAN B . 20.27 7.44 -15.22
C3 MAN B . 20.72 6.15 -15.89
C4 MAN B . 21.04 5.16 -14.77
C5 MAN B . 19.69 4.96 -14.07
C6 MAN B . 19.62 3.64 -13.26
O2 MAN B . 21.38 7.85 -14.45
O3 MAN B . 21.88 6.35 -16.67
O4 MAN B . 21.59 3.97 -15.28
O5 MAN B . 19.32 6.15 -13.37
O6 MAN B . 19.55 2.57 -14.20
C1 MAN B . 21.78 9.20 -14.74
C2 MAN B . 23.32 9.30 -14.57
C3 MAN B . 23.71 9.41 -13.06
C4 MAN B . 22.76 10.31 -12.26
C5 MAN B . 21.31 9.87 -12.52
C6 MAN B . 20.23 10.52 -11.63
O2 MAN B . 23.86 10.33 -15.37
O3 MAN B . 25.03 9.85 -12.88
O4 MAN B . 23.10 10.24 -10.89
O5 MAN B . 21.05 10.09 -13.90
O6 MAN B . 19.97 11.85 -12.06
CA CA C . -11.15 12.58 1.23
C10 XG2 D . -8.80 14.25 -7.99
C11 XG2 D . -7.26 12.79 -9.48
C15 XG2 D . -12.83 15.19 -7.46
C18 XG2 D . -12.61 16.98 -6.08
C19 XG2 D . -12.15 15.67 -6.29
O1 XG2 D . -11.40 13.64 -8.55
C2 XG2 D . -9.17 10.89 -9.44
C3 XG2 D . -10.06 9.82 -9.40
C4 XG2 D . -11.41 9.95 -9.09
C5 XG2 D . -11.88 11.23 -8.79
C6 XG2 D . -10.98 12.34 -8.83
C7 XG2 D . -9.61 12.20 -9.16
C8 XG2 D . -8.65 13.36 -9.24
C9 XG2 D . -8.90 14.23 -10.47
C12 XG2 D . -12.36 8.75 -9.09
CL13 XG2 D . -9.45 8.26 -9.78
C14 XG2 D . -12.75 13.86 -8.17
N16 XG2 D . -13.64 16.19 -7.98
N17 XG2 D . -13.50 17.25 -7.11
C ACT E . -1.84 4.51 15.24
O ACT E . -1.51 3.31 15.11
OXT ACT E . -2.59 4.89 16.18
CH3 ACT E . -1.33 5.51 14.25
CL CL F . -0.86 16.73 4.65
ZN ZN G . -11.65 15.00 4.94
NA NA H . 13.98 3.15 23.87
CA CA I . 17.75 1.78 -2.78
NA NA J . 32.50 -4.72 17.73
#